data_8G8A
#
_entry.id   8G8A
#
_cell.length_a   164.976
_cell.length_b   63.840
_cell.length_c   111.971
_cell.angle_alpha   90.00
_cell.angle_beta   101.06
_cell.angle_gamma   90.00
#
_symmetry.space_group_name_H-M   'C 1 2 1'
#
loop_
_entity.id
_entity.type
_entity.pdbx_description
1 polymer 'DH1317.8 heavy chain'
2 polymer 'DH1317.8 light chain'
3 polymer 'Env polyprotein'
4 non-polymer 2-acetamido-2-deoxy-beta-D-glucopyranose
5 non-polymer 'SODIUM ION'
6 water water
#
loop_
_entity_poly.entity_id
_entity_poly.type
_entity_poly.pdbx_seq_one_letter_code
_entity_poly.pdbx_strand_id
1 'polypeptide(L)'
;QVQLVQSGSELKKPGASVKVSCEASGYTFTDYAITWVRQAPGQGLEWMAWINTNTGNPTSAQGFTGRFVFSLGTSVNTTY
LQIRSLRAEDTAVYYCARLRRGGYNNYYMDVWGTGSMVTVSSASTKGPSVFPLAPSSKSTSGGTAALGCLVKDYFPEPVT
VSWNSGALTSGVHTFPAVLQSSGLYSLSSVVTVPSSSLGTQTYICNVNHKPSNTKVDKKVEPKSC
;
A,H
2 'polypeptide(L)'
;DIQMTQSPSSVSASVGDRVTITCRASQGISNWLAWYQQKPGKAPSLLIYGTSTLHRGVPSRFSGSGSGTDFTLTISSLHP
EDVATYYCQQTNSFPPKWPFGQGTKVEIKRTVAAPSVFIFPPSDEQLKSGTASVVCLLNNFYPREAKVQWKVDNALQSGN
SQESVTEQDSKDSTYSLSSTLTLSKADYEKHKVYACEVTHQGLSSPVTKSFNRGEC
;
B,L
3 'polypeptide(L)' QQEKNEQELLELDKWASLWN C,P
#
loop_
_chem_comp.id
_chem_comp.type
_chem_comp.name
_chem_comp.formula
NA non-polymer 'SODIUM ION' 'Na 1'
NAG D-saccharide, beta linking 2-acetamido-2-deoxy-beta-D-glucopyranose 'C8 H15 N O6'
#
# COMPACT_ATOMS: atom_id res chain seq x y z
N GLN A 1 -31.24 -29.35 -4.16
CA GLN A 1 -29.88 -29.79 -3.73
C GLN A 1 -28.83 -29.47 -4.79
N VAL A 2 -29.23 -28.73 -5.83
CA VAL A 2 -28.35 -28.44 -6.96
C VAL A 2 -27.39 -27.32 -6.58
N GLN A 3 -26.14 -27.68 -6.31
CA GLN A 3 -25.14 -26.71 -5.88
C GLN A 3 -23.76 -27.15 -6.38
N LEU A 4 -22.83 -26.21 -6.37
CA LEU A 4 -21.42 -26.47 -6.59
C LEU A 4 -20.64 -26.20 -5.31
N VAL A 5 -19.84 -27.18 -4.88
CA VAL A 5 -19.03 -27.07 -3.67
C VAL A 5 -17.58 -26.91 -4.08
N GLN A 6 -16.90 -25.92 -3.51
CA GLN A 6 -15.52 -25.60 -3.82
C GLN A 6 -14.63 -25.83 -2.61
N SER A 7 -13.33 -25.98 -2.88
CA SER A 7 -12.35 -26.13 -1.82
C SER A 7 -12.26 -24.84 -1.01
N GLY A 8 -11.53 -24.91 0.10
CA GLY A 8 -11.45 -23.81 1.04
C GLY A 8 -10.42 -22.78 0.67
N SER A 9 -10.24 -21.82 1.58
CA SER A 9 -9.25 -20.77 1.39
C SER A 9 -7.84 -21.32 1.50
N GLU A 10 -6.92 -20.68 0.80
CA GLU A 10 -5.55 -21.18 0.70
C GLU A 10 -4.58 -20.03 0.91
N LEU A 11 -3.44 -20.34 1.51
CA LEU A 11 -2.31 -19.42 1.62
C LEU A 11 -1.13 -20.06 0.92
N LYS A 12 -0.50 -19.33 0.01
CA LYS A 12 0.61 -19.88 -0.77
C LYS A 12 1.67 -18.81 -1.00
N LYS A 13 2.93 -19.24 -0.96
CA LYS A 13 4.02 -18.30 -1.19
C LYS A 13 4.07 -17.92 -2.67
N PRO A 14 4.62 -16.74 -2.98
CA PRO A 14 4.86 -16.40 -4.39
C PRO A 14 5.77 -17.43 -5.03
N GLY A 15 5.43 -17.82 -6.27
CA GLY A 15 6.17 -18.84 -6.97
C GLY A 15 5.67 -20.25 -6.75
N ALA A 16 4.78 -20.45 -5.77
CA ALA A 16 4.22 -21.76 -5.48
C ALA A 16 2.99 -22.02 -6.35
N SER A 17 2.33 -23.15 -6.12
CA SER A 17 1.14 -23.52 -6.87
C SER A 17 0.01 -23.88 -5.91
N VAL A 18 -1.22 -23.59 -6.36
CA VAL A 18 -2.43 -23.89 -5.60
C VAL A 18 -3.39 -24.62 -6.54
N LYS A 19 -4.06 -25.65 -6.02
CA LYS A 19 -5.03 -26.41 -6.80
C LYS A 19 -6.35 -26.40 -6.03
N VAL A 20 -7.36 -25.76 -6.58
CA VAL A 20 -8.69 -25.67 -5.97
C VAL A 20 -9.63 -26.59 -6.72
N SER A 21 -10.58 -27.17 -5.99
CA SER A 21 -11.52 -28.15 -6.53
C SER A 21 -12.92 -27.57 -6.61
N CYS A 22 -13.75 -28.21 -7.42
CA CYS A 22 -15.16 -27.85 -7.56
C CYS A 22 -15.95 -29.10 -7.86
N GLU A 23 -16.81 -29.52 -6.93
CA GLU A 23 -17.55 -30.76 -7.03
C GLU A 23 -19.02 -30.45 -7.28
N ALA A 24 -19.61 -31.16 -8.25
CA ALA A 24 -21.01 -30.99 -8.60
C ALA A 24 -21.89 -31.83 -7.68
N SER A 25 -22.96 -31.24 -7.16
CA SER A 25 -23.91 -31.95 -6.28
C SER A 25 -25.34 -31.61 -6.69
N GLY A 26 -26.26 -32.57 -6.59
CA GLY A 26 -27.68 -32.35 -6.92
C GLY A 26 -27.96 -32.45 -8.41
N TYR A 27 -26.96 -32.77 -9.22
CA TYR A 27 -27.13 -32.80 -10.69
C TYR A 27 -26.05 -33.64 -11.33
N THR A 28 -26.19 -33.97 -12.62
CA THR A 28 -25.17 -34.75 -13.36
C THR A 28 -24.01 -33.84 -13.71
N PHE A 29 -22.82 -34.08 -13.16
CA PHE A 29 -21.62 -33.25 -13.38
C PHE A 29 -21.31 -33.16 -14.87
N THR A 30 -21.47 -34.25 -15.60
CA THR A 30 -21.04 -34.31 -17.02
C THR A 30 -22.17 -33.93 -17.98
N ASP A 31 -23.31 -33.47 -17.48
CA ASP A 31 -24.39 -33.00 -18.36
C ASP A 31 -24.08 -31.57 -18.80
N TYR A 32 -23.47 -30.78 -17.92
CA TYR A 32 -23.18 -29.36 -18.20
C TYR A 32 -21.69 -29.06 -18.04
N ALA A 33 -21.18 -28.06 -18.74
CA ALA A 33 -19.78 -27.61 -18.62
C ALA A 33 -19.59 -26.86 -17.31
N ILE A 34 -18.35 -26.55 -16.92
CA ILE A 34 -18.10 -25.75 -15.69
C ILE A 34 -17.17 -24.62 -16.09
N THR A 35 -17.49 -23.38 -15.72
CA THR A 35 -16.65 -22.20 -16.05
C THR A 35 -16.05 -21.63 -14.77
N TRP A 36 -15.00 -20.82 -14.88
CA TRP A 36 -14.34 -20.22 -13.74
C TRP A 36 -14.33 -18.70 -13.88
N VAL A 37 -14.56 -18.02 -12.76
CA VAL A 37 -14.59 -16.56 -12.72
C VAL A 37 -13.77 -16.09 -11.54
N ARG A 38 -13.01 -15.02 -11.73
CA ARG A 38 -12.09 -14.47 -10.74
C ARG A 38 -12.58 -13.10 -10.29
N GLN A 39 -12.30 -12.76 -9.04
CA GLN A 39 -12.67 -11.45 -8.51
C GLN A 39 -11.62 -11.02 -7.49
N ALA A 40 -10.77 -10.08 -7.88
CA ALA A 40 -9.77 -9.55 -6.97
C ALA A 40 -10.46 -8.76 -5.85
N PRO A 41 -9.85 -8.69 -4.67
CA PRO A 41 -10.51 -7.99 -3.55
C PRO A 41 -10.88 -6.56 -3.91
N GLY A 42 -12.16 -6.24 -3.77
CA GLY A 42 -12.66 -4.91 -4.08
C GLY A 42 -12.83 -4.63 -5.56
N GLN A 43 -12.67 -5.64 -6.42
CA GLN A 43 -12.74 -5.47 -7.86
C GLN A 43 -13.94 -6.22 -8.42
N GLY A 44 -14.20 -5.99 -9.71
CA GLY A 44 -15.29 -6.64 -10.40
C GLY A 44 -14.94 -8.06 -10.79
N LEU A 45 -15.84 -8.68 -11.55
CA LEU A 45 -15.67 -10.04 -12.01
C LEU A 45 -14.84 -10.07 -13.29
N GLU A 46 -14.09 -11.15 -13.46
CA GLU A 46 -13.24 -11.33 -14.65
C GLU A 46 -13.30 -12.79 -15.06
N TRP A 47 -13.85 -13.05 -16.25
CA TRP A 47 -14.00 -14.41 -16.73
C TRP A 47 -12.64 -15.02 -17.05
N MET A 48 -12.50 -16.31 -16.78
CA MET A 48 -11.22 -17.01 -16.94
C MET A 48 -11.26 -18.06 -18.04
N ALA A 49 -12.17 -19.04 -17.94
CA ALA A 49 -12.17 -20.15 -18.88
C ALA A 49 -13.36 -21.05 -18.57
N TRP A 50 -13.69 -21.91 -19.53
CA TRP A 50 -14.66 -22.98 -19.34
C TRP A 50 -14.07 -24.28 -19.85
N ILE A 51 -14.42 -25.38 -19.20
CA ILE A 51 -13.85 -26.69 -19.48
C ILE A 51 -14.99 -27.66 -19.79
N ASN A 52 -14.80 -28.45 -20.86
CA ASN A 52 -15.75 -29.48 -21.23
C ASN A 52 -15.64 -30.65 -20.26
N THR A 53 -16.70 -30.86 -19.47
CA THR A 53 -16.66 -31.90 -18.45
C THR A 53 -16.62 -33.30 -19.05
N ASN A 54 -16.89 -33.45 -20.34
CA ASN A 54 -16.75 -34.74 -21.01
C ASN A 54 -15.32 -34.94 -21.54
N THR A 55 -14.88 -34.06 -22.42
CA THR A 55 -13.57 -34.23 -23.07
C THR A 55 -12.44 -33.70 -22.19
N GLY A 56 -12.60 -32.50 -21.64
CA GLY A 56 -11.59 -31.89 -20.81
C GLY A 56 -10.78 -30.79 -21.46
N ASN A 57 -11.06 -30.44 -22.71
CA ASN A 57 -10.34 -29.33 -23.34
C ASN A 57 -10.82 -28.01 -22.78
N PRO A 58 -9.96 -27.19 -22.18
CA PRO A 58 -10.39 -25.89 -21.68
C PRO A 58 -10.40 -24.84 -22.78
N THR A 59 -11.13 -23.76 -22.51
CA THR A 59 -11.22 -22.59 -23.38
C THR A 59 -11.06 -21.37 -22.52
N SER A 60 -9.90 -20.72 -22.59
CA SER A 60 -9.53 -19.65 -21.68
C SER A 60 -9.31 -18.35 -22.42
N ALA A 61 -9.50 -17.24 -21.70
CA ALA A 61 -9.15 -15.93 -22.21
C ALA A 61 -7.63 -15.81 -22.30
N GLN A 62 -7.17 -14.80 -23.05
CA GLN A 62 -5.74 -14.70 -23.35
C GLN A 62 -4.88 -14.73 -22.09
N GLY A 63 -5.27 -14.01 -21.06
CA GLY A 63 -4.41 -13.90 -19.89
C GLY A 63 -4.36 -15.11 -18.99
N PHE A 64 -5.12 -16.16 -19.30
CA PHE A 64 -5.30 -17.31 -18.43
C PHE A 64 -4.99 -18.61 -19.16
N THR A 65 -3.83 -18.66 -19.81
CA THR A 65 -3.37 -19.86 -20.49
C THR A 65 -1.95 -20.19 -20.02
N GLY A 66 -1.66 -21.49 -19.97
CA GLY A 66 -0.32 -21.93 -19.62
C GLY A 66 -0.03 -21.88 -18.14
N ARG A 67 -0.03 -20.68 -17.58
CA ARG A 67 0.13 -20.55 -16.13
C ARG A 67 -1.08 -21.12 -15.39
N PHE A 68 -2.25 -21.16 -16.04
CA PHE A 68 -3.48 -21.66 -15.45
C PHE A 68 -3.86 -22.97 -16.14
N VAL A 69 -4.07 -24.02 -15.35
CA VAL A 69 -4.36 -25.38 -15.89
C VAL A 69 -5.71 -25.87 -15.38
N PHE A 70 -6.71 -25.94 -16.24
CA PHE A 70 -8.05 -26.46 -15.90
C PHE A 70 -8.03 -27.94 -16.26
N SER A 71 -8.45 -28.82 -15.36
CA SER A 71 -8.34 -30.28 -15.55
C SER A 71 -9.52 -31.01 -14.99
N LEU A 72 -9.75 -32.24 -15.44
CA LEU A 72 -10.83 -33.09 -14.89
C LEU A 72 -10.13 -34.30 -14.30
N GLY A 73 -10.51 -34.73 -13.11
CA GLY A 73 -9.84 -35.85 -12.42
C GLY A 73 -10.57 -37.16 -12.54
N THR A 74 -9.95 -38.24 -12.07
CA THR A 74 -10.56 -39.59 -12.12
C THR A 74 -12.00 -39.45 -11.65
N SER A 75 -12.23 -38.66 -10.59
CA SER A 75 -13.59 -38.42 -10.04
C SER A 75 -14.50 -37.85 -11.13
N VAL A 76 -15.70 -38.39 -11.26
CA VAL A 76 -16.69 -37.96 -12.30
C VAL A 76 -17.27 -36.60 -11.89
N ASN A 77 -17.27 -36.29 -10.59
CA ASN A 77 -18.03 -35.14 -10.03
C ASN A 77 -17.07 -34.09 -9.47
N THR A 78 -15.93 -33.86 -10.13
CA THR A 78 -15.01 -32.74 -9.79
C THR A 78 -14.29 -32.23 -11.04
N THR A 79 -14.10 -30.91 -11.14
CA THR A 79 -13.16 -30.26 -12.09
C THR A 79 -12.18 -29.51 -11.22
N TYR A 80 -11.01 -29.16 -11.74
CA TYR A 80 -9.96 -28.52 -10.91
C TYR A 80 -9.32 -27.34 -11.61
N LEU A 81 -8.83 -26.39 -10.83
CA LEU A 81 -8.09 -25.24 -11.34
C LEU A 81 -6.76 -25.17 -10.62
N GLN A 82 -5.67 -24.96 -11.36
CA GLN A 82 -4.32 -24.87 -10.77
C GLN A 82 -3.62 -23.59 -11.23
N ILE A 83 -3.10 -22.79 -10.32
CA ILE A 83 -2.31 -21.59 -10.68
C ILE A 83 -0.86 -21.91 -10.29
N ARG A 84 0.07 -21.76 -11.23
CA ARG A 84 1.50 -22.04 -10.98
C ARG A 84 2.25 -20.71 -11.10
N SER A 85 3.36 -20.53 -10.38
CA SER A 85 4.05 -19.22 -10.36
C SER A 85 3.13 -18.19 -9.73
N LEU A 86 2.38 -18.58 -8.69
CA LEU A 86 1.41 -17.68 -8.02
C LEU A 86 2.09 -16.33 -7.85
N ARG A 87 1.44 -15.27 -8.31
CA ARG A 87 2.01 -13.91 -8.26
C ARG A 87 1.11 -13.08 -7.38
N ALA A 88 1.47 -11.83 -7.13
CA ALA A 88 0.68 -11.03 -6.17
C ALA A 88 -0.69 -10.74 -6.77
N GLU A 89 -0.80 -10.67 -8.11
CA GLU A 89 -2.06 -10.35 -8.78
C GLU A 89 -3.06 -11.49 -8.73
N ASP A 90 -2.62 -12.71 -8.39
CA ASP A 90 -3.52 -13.85 -8.31
C ASP A 90 -4.34 -13.88 -7.04
N THR A 91 -4.01 -13.04 -6.05
CA THR A 91 -4.79 -12.97 -4.82
C THR A 91 -6.22 -12.56 -5.17
N ALA A 92 -7.18 -13.46 -4.97
CA ALA A 92 -8.55 -13.17 -5.35
C ALA A 92 -9.43 -14.35 -4.92
N VAL A 93 -10.74 -14.16 -5.08
CA VAL A 93 -11.71 -15.23 -4.91
C VAL A 93 -11.99 -15.84 -6.27
N TYR A 94 -11.89 -17.16 -6.36
CA TYR A 94 -12.09 -17.89 -7.62
C TYR A 94 -13.41 -18.63 -7.55
N TYR A 95 -14.34 -18.26 -8.43
CA TYR A 95 -15.69 -18.81 -8.44
C TYR A 95 -15.82 -19.92 -9.47
N CYS A 96 -16.53 -20.97 -9.07
CA CYS A 96 -16.92 -22.07 -9.96
C CYS A 96 -18.39 -21.90 -10.32
N ALA A 97 -18.72 -22.14 -11.59
CA ALA A 97 -20.11 -21.99 -12.02
C ALA A 97 -20.42 -22.94 -13.17
N ARG A 98 -21.70 -23.29 -13.28
CA ARG A 98 -22.19 -24.15 -14.35
C ARG A 98 -22.53 -23.29 -15.57
N LEU A 99 -22.05 -23.71 -16.73
CA LEU A 99 -22.18 -22.93 -17.96
C LEU A 99 -23.38 -23.40 -18.77
N ARG A 100 -24.24 -22.45 -19.18
CA ARG A 100 -25.47 -22.76 -19.95
C ARG A 100 -25.33 -22.18 -21.35
N ARG A 101 -26.00 -22.75 -22.35
CA ARG A 101 -25.89 -22.31 -23.76
C ARG A 101 -27.27 -21.93 -24.29
N GLY A 102 -27.72 -20.70 -24.07
CA GLY A 102 -29.00 -20.21 -24.60
C GLY A 102 -28.95 -20.11 -26.12
N GLY A 103 -27.77 -20.26 -26.72
CA GLY A 103 -27.59 -20.21 -28.17
C GLY A 103 -26.17 -19.80 -28.50
N TYR A 104 -25.91 -19.39 -29.73
CA TYR A 104 -24.57 -18.93 -30.16
C TYR A 104 -24.30 -17.60 -29.48
N ASN A 105 -23.24 -17.52 -28.67
CA ASN A 105 -22.85 -16.27 -27.96
C ASN A 105 -23.97 -15.86 -27.00
N ASN A 106 -24.80 -16.82 -26.58
CA ASN A 106 -25.84 -16.56 -25.55
C ASN A 106 -25.48 -17.46 -24.37
N TYR A 107 -24.24 -17.38 -23.86
CA TYR A 107 -23.76 -18.21 -22.73
C TYR A 107 -24.01 -17.49 -21.41
N TYR A 108 -24.48 -18.21 -20.38
CA TYR A 108 -24.83 -17.62 -19.07
C TYR A 108 -24.64 -18.64 -17.95
N MET A 109 -24.28 -18.21 -16.74
CA MET A 109 -24.00 -19.09 -15.62
C MET A 109 -25.19 -19.07 -14.67
N ASP A 110 -25.85 -20.23 -14.53
CA ASP A 110 -27.05 -20.32 -13.71
C ASP A 110 -26.76 -20.74 -12.26
N VAL A 111 -25.75 -21.58 -12.04
CA VAL A 111 -25.41 -22.06 -10.70
C VAL A 111 -23.97 -21.65 -10.41
N TRP A 112 -23.74 -21.03 -9.25
CA TRP A 112 -22.44 -20.55 -8.83
C TRP A 112 -22.01 -21.22 -7.54
N GLY A 113 -20.74 -21.61 -7.49
CA GLY A 113 -20.15 -22.07 -6.24
C GLY A 113 -19.90 -20.92 -5.29
N THR A 114 -19.62 -21.27 -4.04
CA THR A 114 -19.43 -20.27 -2.99
C THR A 114 -18.11 -19.53 -3.10
N GLY A 115 -17.18 -20.00 -3.92
CA GLY A 115 -15.91 -19.31 -4.10
C GLY A 115 -14.82 -19.85 -3.21
N SER A 116 -13.59 -19.77 -3.71
CA SER A 116 -12.39 -20.14 -2.97
C SER A 116 -11.46 -18.93 -2.95
N MET A 117 -11.11 -18.48 -1.76
CA MET A 117 -10.25 -17.31 -1.61
C MET A 117 -8.80 -17.76 -1.56
N VAL A 118 -7.98 -17.21 -2.44
CA VAL A 118 -6.56 -17.54 -2.51
C VAL A 118 -5.76 -16.29 -2.20
N THR A 119 -4.91 -16.38 -1.18
CA THR A 119 -4.01 -15.31 -0.79
C THR A 119 -2.58 -15.75 -1.11
N VAL A 120 -1.80 -14.82 -1.66
CA VAL A 120 -0.43 -15.10 -2.08
C VAL A 120 0.49 -14.28 -1.19
N SER A 121 1.24 -14.97 -0.33
CA SER A 121 2.17 -14.28 0.56
C SER A 121 3.14 -15.30 1.14
N SER A 122 4.36 -14.83 1.39
CA SER A 122 5.36 -15.65 2.05
C SER A 122 5.13 -15.79 3.55
N ALA A 123 4.19 -15.02 4.10
CA ALA A 123 3.92 -15.08 5.53
C ALA A 123 3.25 -16.40 5.90
N SER A 124 3.36 -16.76 7.17
CA SER A 124 2.73 -17.95 7.70
C SER A 124 1.33 -17.61 8.20
N THR A 125 0.50 -18.65 8.34
CA THR A 125 -0.83 -18.45 8.88
C THR A 125 -0.75 -18.08 10.36
N LYS A 126 -1.65 -17.19 10.78
CA LYS A 126 -1.72 -16.75 12.16
C LYS A 126 -3.18 -16.72 12.56
N GLY A 127 -3.51 -17.41 13.66
CA GLY A 127 -4.86 -17.43 14.17
C GLY A 127 -5.18 -16.19 14.97
N PRO A 128 -6.46 -15.82 15.00
CA PRO A 128 -6.85 -14.59 15.71
C PRO A 128 -6.93 -14.81 17.21
N SER A 129 -6.80 -13.70 17.94
CA SER A 129 -7.16 -13.64 19.35
C SER A 129 -8.55 -13.04 19.45
N VAL A 130 -9.41 -13.66 20.25
CA VAL A 130 -10.80 -13.24 20.40
C VAL A 130 -10.95 -12.61 21.78
N PHE A 131 -11.42 -11.37 21.81
CA PHE A 131 -11.66 -10.67 23.06
C PHE A 131 -13.12 -10.25 23.14
N PRO A 132 -13.68 -10.14 24.33
CA PRO A 132 -15.09 -9.73 24.46
C PRO A 132 -15.26 -8.23 24.36
N LEU A 133 -16.37 -7.84 23.74
CA LEU A 133 -16.85 -6.46 23.82
C LEU A 133 -18.04 -6.48 24.77
N ALA A 134 -17.73 -6.43 26.06
CA ALA A 134 -18.74 -6.70 27.09
C ALA A 134 -19.81 -5.62 27.12
N PRO A 135 -21.08 -5.99 27.25
CA PRO A 135 -22.14 -4.98 27.38
C PRO A 135 -22.04 -4.26 28.72
N SER A 136 -21.98 -2.94 28.67
CA SER A 136 -21.90 -2.13 29.88
C SER A 136 -22.91 -0.99 29.91
N SER A 137 -23.16 -0.35 28.77
CA SER A 137 -24.11 0.75 28.71
C SER A 137 -25.52 0.29 29.01
N GLY A 143 -33.98 0.74 25.10
CA GLY A 143 -34.11 -0.36 26.05
C GLY A 143 -33.34 -1.60 25.62
N THR A 144 -32.20 -1.41 24.98
CA THR A 144 -31.43 -2.51 24.42
C THR A 144 -29.95 -2.32 24.74
N ALA A 145 -29.19 -3.40 24.58
CA ALA A 145 -27.76 -3.41 24.86
C ALA A 145 -27.00 -4.03 23.70
N ALA A 146 -25.73 -3.62 23.56
CA ALA A 146 -24.84 -4.09 22.51
C ALA A 146 -23.67 -4.84 23.11
N LEU A 147 -23.22 -5.89 22.42
CA LEU A 147 -22.07 -6.68 22.82
C LEU A 147 -21.47 -7.31 21.58
N GLY A 148 -20.24 -7.80 21.69
CA GLY A 148 -19.60 -8.36 20.53
C GLY A 148 -18.29 -9.06 20.84
N CYS A 149 -17.62 -9.47 19.77
CA CYS A 149 -16.34 -10.14 19.83
C CYS A 149 -15.36 -9.44 18.91
N LEU A 150 -14.15 -9.20 19.41
CA LEU A 150 -13.07 -8.61 18.63
C LEU A 150 -12.14 -9.72 18.18
N VAL A 151 -12.07 -9.95 16.87
CA VAL A 151 -11.24 -10.99 16.28
C VAL A 151 -10.02 -10.28 15.69
N LYS A 152 -8.86 -10.44 16.34
CA LYS A 152 -7.71 -9.58 16.10
C LYS A 152 -6.48 -10.37 15.69
N ASP A 153 -5.71 -9.80 14.77
CA ASP A 153 -4.38 -10.28 14.40
C ASP A 153 -4.42 -11.71 13.87
N TYR A 154 -5.05 -11.86 12.69
CA TYR A 154 -5.07 -13.12 11.96
C TYR A 154 -4.70 -12.90 10.51
N PHE A 155 -4.26 -14.00 9.86
CA PHE A 155 -3.87 -13.98 8.45
C PHE A 155 -3.87 -15.40 7.91
N PRO A 156 -4.39 -15.65 6.70
CA PRO A 156 -5.03 -14.70 5.78
C PRO A 156 -6.53 -14.60 6.04
N GLU A 157 -7.25 -13.89 5.17
CA GLU A 157 -8.70 -13.99 5.16
C GLU A 157 -9.08 -15.42 4.75
N PRO A 158 -10.29 -15.87 5.07
CA PRO A 158 -11.37 -15.18 5.77
C PRO A 158 -11.64 -15.72 7.17
N VAL A 159 -12.46 -15.01 7.93
CA VAL A 159 -12.96 -15.46 9.23
C VAL A 159 -14.48 -15.45 9.17
N THR A 160 -15.09 -16.49 9.74
CA THR A 160 -16.54 -16.57 9.89
C THR A 160 -16.90 -16.47 11.36
N VAL A 161 -17.94 -15.70 11.65
CA VAL A 161 -18.39 -15.48 13.02
C VAL A 161 -19.88 -15.77 13.11
N SER A 162 -20.26 -16.64 14.04
CA SER A 162 -21.66 -16.91 14.33
C SER A 162 -21.88 -16.79 15.84
N TRP A 163 -23.13 -16.55 16.23
CA TRP A 163 -23.50 -16.35 17.62
C TRP A 163 -24.41 -17.47 18.07
N ASN A 164 -24.10 -18.05 19.23
CA ASN A 164 -24.88 -19.16 19.78
C ASN A 164 -25.04 -20.27 18.73
N SER A 165 -23.93 -20.58 18.06
CA SER A 165 -23.90 -21.65 17.06
C SER A 165 -24.97 -21.41 15.99
N GLY A 166 -25.13 -20.15 15.59
CA GLY A 166 -26.07 -19.78 14.56
C GLY A 166 -27.48 -19.51 15.06
N ALA A 167 -27.75 -19.75 16.34
CA ALA A 167 -29.10 -19.55 16.86
C ALA A 167 -29.45 -18.07 16.94
N LEU A 168 -28.45 -17.20 17.05
CA LEU A 168 -28.65 -15.75 17.16
C LEU A 168 -28.22 -15.12 15.84
N THR A 169 -29.19 -14.63 15.07
CA THR A 169 -28.90 -13.97 13.80
C THR A 169 -29.46 -12.56 13.73
N SER A 170 -30.65 -12.32 14.29
CA SER A 170 -31.21 -10.97 14.27
C SER A 170 -30.36 -10.03 15.11
N GLY A 171 -30.13 -8.83 14.58
CA GLY A 171 -29.33 -7.84 15.26
C GLY A 171 -27.83 -8.04 15.13
N VAL A 172 -27.39 -9.05 14.39
CA VAL A 172 -25.97 -9.37 14.26
C VAL A 172 -25.35 -8.52 13.17
N HIS A 173 -24.23 -7.86 13.50
CA HIS A 173 -23.44 -7.12 12.53
C HIS A 173 -22.00 -7.58 12.65
N THR A 174 -21.49 -8.26 11.63
CA THR A 174 -20.10 -8.68 11.56
C THR A 174 -19.41 -7.78 10.54
N PHE A 175 -18.53 -6.90 11.01
CA PHE A 175 -17.98 -5.88 10.14
C PHE A 175 -16.94 -6.46 9.18
N PRO A 176 -16.73 -5.80 8.04
CA PRO A 176 -15.68 -6.25 7.13
C PRO A 176 -14.32 -6.25 7.81
N ALA A 177 -13.47 -7.18 7.41
CA ALA A 177 -12.13 -7.24 7.96
C ALA A 177 -11.37 -5.96 7.62
N VAL A 178 -10.50 -5.54 8.53
CA VAL A 178 -9.67 -4.36 8.37
C VAL A 178 -8.21 -4.79 8.40
N LEU A 179 -7.42 -4.24 7.48
CA LEU A 179 -5.99 -4.51 7.42
C LEU A 179 -5.24 -3.53 8.30
N GLN A 180 -4.46 -4.05 9.23
CA GLN A 180 -3.72 -3.21 10.18
C GLN A 180 -2.30 -2.94 9.66
N SER A 181 -1.64 -1.98 10.30
CA SER A 181 -0.26 -1.65 9.95
C SER A 181 0.68 -2.85 10.13
N SER A 182 0.26 -3.84 10.91
CA SER A 182 1.05 -5.04 11.13
C SER A 182 0.97 -6.01 9.97
N GLY A 183 0.12 -5.73 8.96
CA GLY A 183 -0.13 -6.68 7.90
C GLY A 183 -1.12 -7.76 8.25
N LEU A 184 -1.66 -7.74 9.47
CA LEU A 184 -2.63 -8.70 9.94
C LEU A 184 -4.04 -8.11 9.88
N TYR A 185 -5.02 -8.97 9.75
CA TYR A 185 -6.41 -8.55 9.68
C TYR A 185 -7.03 -8.48 11.07
N SER A 186 -8.10 -7.69 11.17
CA SER A 186 -8.82 -7.53 12.43
C SER A 186 -10.26 -7.14 12.10
N LEU A 187 -11.21 -7.76 12.79
CA LEU A 187 -12.61 -7.45 12.59
C LEU A 187 -13.36 -7.64 13.91
N SER A 188 -14.55 -7.05 13.97
CA SER A 188 -15.40 -7.14 15.15
C SER A 188 -16.78 -7.60 14.74
N SER A 189 -17.36 -8.48 15.56
CA SER A 189 -18.73 -8.94 15.38
C SER A 189 -19.54 -8.47 16.58
N VAL A 190 -20.71 -7.90 16.31
CA VAL A 190 -21.53 -7.29 17.34
C VAL A 190 -22.96 -7.77 17.19
N VAL A 191 -23.69 -7.78 18.31
CA VAL A 191 -25.10 -8.14 18.31
C VAL A 191 -25.80 -7.31 19.36
N THR A 192 -27.03 -6.90 19.06
CA THR A 192 -27.88 -6.17 20.00
C THR A 192 -28.89 -7.13 20.60
N VAL A 193 -29.04 -7.09 21.91
CA VAL A 193 -29.91 -8.03 22.63
C VAL A 193 -30.68 -7.27 23.69
N PRO A 194 -31.77 -7.86 24.18
CA PRO A 194 -32.55 -7.20 25.24
C PRO A 194 -31.68 -6.89 26.44
N SER A 195 -31.75 -5.65 26.91
CA SER A 195 -30.92 -5.26 28.04
C SER A 195 -31.31 -6.02 29.31
N SER A 196 -32.55 -6.48 29.41
CA SER A 196 -32.99 -7.20 30.60
C SER A 196 -32.60 -8.67 30.58
N SER A 197 -32.18 -9.20 29.43
CA SER A 197 -31.76 -10.59 29.33
C SER A 197 -30.27 -10.79 29.55
N LEU A 198 -29.52 -9.72 29.79
CA LEU A 198 -28.07 -9.82 29.87
C LEU A 198 -27.59 -10.69 31.03
N GLY A 199 -28.40 -10.85 32.07
CA GLY A 199 -27.99 -11.63 33.22
C GLY A 199 -28.58 -13.03 33.25
N THR A 200 -29.49 -13.34 32.34
CA THR A 200 -30.15 -14.63 32.32
C THR A 200 -29.89 -15.46 31.07
N GLN A 201 -29.51 -14.84 29.95
CA GLN A 201 -29.24 -15.55 28.71
C GLN A 201 -27.76 -15.40 28.35
N THR A 202 -27.11 -16.52 28.04
CA THR A 202 -25.70 -16.51 27.70
C THR A 202 -25.49 -16.30 26.21
N TYR A 203 -24.44 -15.54 25.88
CA TYR A 203 -24.11 -15.20 24.50
C TYR A 203 -22.68 -15.63 24.24
N ILE A 204 -22.50 -16.50 23.25
CA ILE A 204 -21.19 -17.01 22.86
C ILE A 204 -21.02 -16.73 21.38
N CYS A 205 -19.87 -16.17 21.01
CA CYS A 205 -19.51 -15.99 19.61
C CYS A 205 -18.58 -17.11 19.18
N ASN A 206 -18.85 -17.68 18.02
CA ASN A 206 -18.08 -18.81 17.49
C ASN A 206 -17.27 -18.32 16.30
N VAL A 207 -15.97 -18.08 16.54
CA VAL A 207 -15.06 -17.59 15.52
C VAL A 207 -14.32 -18.79 14.94
N ASN A 208 -14.25 -18.86 13.61
CA ASN A 208 -13.57 -19.95 12.92
C ASN A 208 -12.64 -19.38 11.86
N HIS A 209 -11.39 -19.86 11.85
CA HIS A 209 -10.36 -19.44 10.89
C HIS A 209 -9.72 -20.71 10.32
N LYS A 210 -10.26 -21.21 9.22
CA LYS A 210 -9.77 -22.47 8.65
C LYS A 210 -8.29 -22.44 8.25
N PRO A 211 -7.77 -21.39 7.60
CA PRO A 211 -6.36 -21.46 7.16
C PRO A 211 -5.39 -21.83 8.27
N SER A 212 -5.61 -21.36 9.49
CA SER A 212 -4.79 -21.72 10.63
C SER A 212 -5.39 -22.85 11.46
N ASN A 213 -6.52 -23.42 11.03
CA ASN A 213 -7.21 -24.47 11.77
C ASN A 213 -7.49 -24.03 13.21
N THR A 214 -8.01 -22.81 13.33
CA THR A 214 -8.28 -22.19 14.63
C THR A 214 -9.79 -22.08 14.83
N LYS A 215 -10.26 -22.61 15.96
CA LYS A 215 -11.66 -22.52 16.37
C LYS A 215 -11.70 -21.99 17.80
N VAL A 216 -12.57 -21.00 18.04
CA VAL A 216 -12.67 -20.35 19.34
C VAL A 216 -14.13 -20.09 19.66
N ASP A 217 -14.49 -20.28 20.93
CA ASP A 217 -15.81 -19.95 21.45
C ASP A 217 -15.62 -19.03 22.66
N LYS A 218 -16.00 -17.77 22.52
CA LYS A 218 -15.78 -16.76 23.56
C LYS A 218 -17.13 -16.31 24.10
N LYS A 219 -17.32 -16.47 25.42
CA LYS A 219 -18.54 -16.02 26.07
C LYS A 219 -18.44 -14.54 26.42
N VAL A 220 -19.49 -13.78 26.11
CA VAL A 220 -19.51 -12.34 26.30
C VAL A 220 -20.53 -12.02 27.38
N GLU A 221 -20.05 -11.49 28.50
CA GLU A 221 -20.89 -11.18 29.66
C GLU A 221 -20.40 -9.90 30.31
N PRO A 222 -21.27 -9.22 31.07
CA PRO A 222 -20.86 -7.97 31.71
C PRO A 222 -19.69 -8.19 32.68
N LYS A 223 -18.82 -7.19 32.74
CA LYS A 223 -17.66 -7.25 33.63
C LYS A 223 -18.06 -7.15 35.10
N ASP B 1 -8.86 -4.38 -27.82
CA ASP B 1 -9.73 -5.55 -27.55
C ASP B 1 -11.13 -5.07 -27.18
N ILE B 2 -12.09 -6.01 -27.07
CA ILE B 2 -13.52 -5.78 -26.69
C ILE B 2 -13.56 -5.48 -25.19
N GLN B 3 -14.60 -4.76 -24.73
CA GLN B 3 -14.82 -4.43 -23.30
C GLN B 3 -16.23 -3.86 -23.16
N MET B 4 -16.90 -4.09 -22.02
CA MET B 4 -18.25 -3.63 -21.75
C MET B 4 -18.17 -2.38 -20.87
N THR B 5 -18.73 -1.28 -21.36
CA THR B 5 -18.80 -0.04 -20.59
C THR B 5 -20.13 -0.01 -19.86
N GLN B 6 -20.09 -0.10 -18.54
CA GLN B 6 -21.28 -0.16 -17.71
C GLN B 6 -21.42 1.15 -16.95
N SER B 7 -22.61 1.74 -17.04
CA SER B 7 -22.91 2.99 -16.35
C SER B 7 -24.32 2.92 -15.79
N PRO B 8 -24.59 3.62 -14.68
CA PRO B 8 -23.65 4.41 -13.85
C PRO B 8 -22.79 3.49 -12.98
N SER B 9 -21.60 3.93 -12.56
CA SER B 9 -20.78 3.10 -11.69
C SER B 9 -21.47 2.83 -10.36
N SER B 10 -22.32 3.75 -9.91
CA SER B 10 -23.13 3.54 -8.72
C SER B 10 -24.36 4.43 -8.84
N VAL B 11 -25.42 4.06 -8.11
CA VAL B 11 -26.64 4.84 -8.13
C VAL B 11 -27.30 4.74 -6.76
N SER B 12 -27.88 5.85 -6.32
CA SER B 12 -28.63 5.92 -5.07
C SER B 12 -30.04 6.40 -5.40
N ALA B 13 -31.03 5.56 -5.11
CA ALA B 13 -32.43 5.85 -5.42
C ALA B 13 -33.30 5.42 -4.25
N SER B 14 -34.45 6.05 -4.13
CA SER B 14 -35.36 5.74 -3.02
C SER B 14 -36.16 4.48 -3.30
N VAL B 15 -36.76 3.94 -2.24
CA VAL B 15 -37.58 2.75 -2.35
C VAL B 15 -38.73 3.01 -3.32
N GLY B 16 -38.95 2.05 -4.23
CA GLY B 16 -39.99 2.18 -5.22
C GLY B 16 -39.63 2.99 -6.43
N ASP B 17 -38.37 3.42 -6.53
CA ASP B 17 -37.91 4.17 -7.69
C ASP B 17 -37.67 3.23 -8.87
N ARG B 18 -37.66 3.83 -10.06
CA ARG B 18 -37.25 3.14 -11.27
C ARG B 18 -35.74 3.31 -11.42
N VAL B 19 -35.03 2.20 -11.49
CA VAL B 19 -33.58 2.19 -11.63
C VAL B 19 -33.22 1.61 -12.98
N THR B 20 -32.39 2.31 -13.74
CA THR B 20 -31.97 1.88 -15.07
C THR B 20 -30.45 1.81 -15.12
N ILE B 21 -29.94 0.66 -15.54
CA ILE B 21 -28.51 0.41 -15.69
C ILE B 21 -28.27 0.01 -17.14
N THR B 22 -27.25 0.62 -17.75
CA THR B 22 -26.95 0.41 -19.16
C THR B 22 -25.57 -0.21 -19.33
N CYS B 23 -25.40 -0.98 -20.40
CA CYS B 23 -24.13 -1.63 -20.71
C CYS B 23 -23.89 -1.54 -22.21
N ARG B 24 -22.84 -0.82 -22.60
CA ARG B 24 -22.51 -0.62 -24.01
C ARG B 24 -21.27 -1.44 -24.36
N ALA B 25 -21.35 -2.15 -25.47
CA ALA B 25 -20.23 -2.93 -25.98
C ALA B 25 -19.44 -2.09 -26.97
N SER B 26 -18.12 -2.05 -26.79
CA SER B 26 -17.29 -1.27 -27.70
C SER B 26 -17.40 -1.75 -29.13
N GLN B 27 -17.72 -3.04 -29.32
CA GLN B 27 -18.02 -3.58 -30.64
C GLN B 27 -19.13 -4.62 -30.51
N GLY B 28 -19.74 -4.95 -31.64
CA GLY B 28 -20.83 -5.91 -31.65
C GLY B 28 -20.34 -7.32 -31.40
N ILE B 29 -20.83 -7.95 -30.32
CA ILE B 29 -20.47 -9.33 -29.99
C ILE B 29 -21.64 -10.23 -30.37
N SER B 30 -22.81 -9.95 -29.81
CA SER B 30 -24.04 -10.63 -30.20
C SER B 30 -25.20 -9.82 -29.64
N ASN B 31 -26.41 -10.24 -29.99
CA ASN B 31 -27.62 -9.61 -29.48
C ASN B 31 -28.01 -10.14 -28.11
N TRP B 32 -27.20 -10.99 -27.50
CA TRP B 32 -27.52 -11.65 -26.24
C TRP B 32 -26.58 -11.17 -25.14
N LEU B 33 -27.15 -10.88 -23.96
CA LEU B 33 -26.45 -10.28 -22.85
C LEU B 33 -27.04 -10.83 -21.56
N ALA B 34 -26.19 -11.05 -20.56
CA ALA B 34 -26.59 -11.62 -19.28
C ALA B 34 -26.31 -10.63 -18.15
N TRP B 35 -27.23 -10.56 -17.19
CA TRP B 35 -27.11 -9.69 -16.03
C TRP B 35 -26.97 -10.53 -14.77
N TYR B 36 -26.04 -10.13 -13.89
CA TYR B 36 -25.75 -10.85 -12.66
C TYR B 36 -25.86 -9.92 -11.47
N GLN B 37 -26.35 -10.48 -10.36
CA GLN B 37 -26.48 -9.76 -9.10
C GLN B 37 -25.53 -10.39 -8.09
N GLN B 38 -24.76 -9.55 -7.40
CA GLN B 38 -23.87 -10.01 -6.33
C GLN B 38 -24.25 -9.20 -5.08
N LYS B 39 -24.76 -9.87 -4.09
CA LYS B 39 -25.08 -9.25 -2.82
C LYS B 39 -23.84 -9.23 -1.93
N PRO B 40 -23.78 -8.32 -0.96
CA PRO B 40 -22.55 -8.18 -0.17
C PRO B 40 -22.15 -9.51 0.46
N GLY B 41 -20.85 -9.80 0.41
CA GLY B 41 -20.36 -11.01 1.01
C GLY B 41 -20.93 -12.29 0.44
N LYS B 42 -21.47 -12.25 -0.78
CA LYS B 42 -22.10 -13.39 -1.40
C LYS B 42 -21.62 -13.55 -2.83
N ALA B 43 -21.77 -14.77 -3.35
CA ALA B 43 -21.41 -15.07 -4.72
C ALA B 43 -22.41 -14.43 -5.68
N PRO B 44 -21.98 -14.16 -6.92
CA PRO B 44 -22.93 -13.67 -7.92
C PRO B 44 -24.02 -14.70 -8.22
N SER B 45 -25.18 -14.18 -8.63
CA SER B 45 -26.30 -15.01 -9.06
C SER B 45 -26.84 -14.47 -10.38
N LEU B 46 -27.44 -15.35 -11.17
CA LEU B 46 -27.99 -14.97 -12.46
C LEU B 46 -29.31 -14.23 -12.27
N LEU B 47 -29.39 -13.03 -12.85
CA LEU B 47 -30.64 -12.30 -12.94
C LEU B 47 -31.35 -12.57 -14.27
N ILE B 48 -30.68 -12.25 -15.37
CA ILE B 48 -31.26 -12.28 -16.69
C ILE B 48 -30.24 -12.86 -17.67
N TYR B 49 -30.73 -13.68 -18.59
CA TYR B 49 -29.93 -14.19 -19.70
C TYR B 49 -30.73 -14.03 -20.99
N GLY B 50 -30.01 -13.90 -22.11
CA GLY B 50 -30.66 -13.67 -23.38
C GLY B 50 -31.22 -12.27 -23.52
N THR B 51 -30.74 -11.33 -22.71
CA THR B 51 -31.09 -9.91 -22.75
C THR B 51 -32.47 -9.59 -22.20
N SER B 52 -33.34 -10.59 -22.08
CA SER B 52 -34.69 -10.35 -21.58
C SER B 52 -35.23 -11.43 -20.65
N THR B 53 -34.71 -12.66 -20.72
CA THR B 53 -35.31 -13.77 -20.02
C THR B 53 -34.87 -13.78 -18.56
N LEU B 54 -35.85 -13.73 -17.65
CA LEU B 54 -35.56 -13.81 -16.23
C LEU B 54 -35.21 -15.24 -15.84
N HIS B 55 -34.16 -15.39 -15.04
CA HIS B 55 -33.89 -16.68 -14.41
C HIS B 55 -35.01 -16.97 -13.42
N ARG B 56 -35.32 -18.25 -13.24
CA ARG B 56 -36.39 -18.61 -12.30
C ARG B 56 -36.09 -18.11 -10.90
N GLY B 57 -37.12 -17.60 -10.25
CA GLY B 57 -37.05 -17.06 -8.91
C GLY B 57 -36.78 -15.57 -8.85
N VAL B 58 -36.34 -14.97 -9.93
CA VAL B 58 -36.06 -13.53 -9.95
C VAL B 58 -37.38 -12.77 -10.04
N PRO B 59 -37.61 -11.76 -9.20
CA PRO B 59 -38.89 -11.04 -9.26
C PRO B 59 -39.07 -10.31 -10.59
N SER B 60 -40.31 -10.05 -10.98
CA SER B 60 -40.63 -9.46 -12.30
C SER B 60 -40.24 -7.98 -12.36
N ARG B 61 -39.85 -7.36 -11.26
CA ARG B 61 -39.37 -5.96 -11.30
C ARG B 61 -38.17 -5.96 -12.23
N PHE B 62 -37.35 -7.01 -12.20
CA PHE B 62 -36.13 -7.10 -13.02
C PHE B 62 -36.53 -7.23 -14.49
N SER B 63 -36.09 -6.30 -15.35
CA SER B 63 -36.42 -6.29 -16.78
C SER B 63 -35.13 -6.22 -17.60
N GLY B 64 -35.11 -6.78 -18.80
CA GLY B 64 -33.93 -6.76 -19.67
C GLY B 64 -34.29 -6.35 -21.08
N SER B 65 -33.55 -5.43 -21.68
CA SER B 65 -33.83 -4.90 -23.05
C SER B 65 -32.53 -4.60 -23.78
N GLY B 66 -32.52 -4.59 -25.11
CA GLY B 66 -31.35 -4.16 -25.85
C GLY B 66 -31.11 -5.02 -27.07
N SER B 67 -30.19 -4.56 -27.89
CA SER B 67 -29.81 -5.24 -29.12
C SER B 67 -28.51 -4.61 -29.59
N GLY B 68 -27.78 -5.34 -30.44
CA GLY B 68 -26.53 -4.81 -30.95
C GLY B 68 -25.49 -4.61 -29.88
N THR B 69 -25.20 -3.36 -29.54
CA THR B 69 -24.19 -3.03 -28.54
C THR B 69 -24.74 -2.33 -27.30
N ASP B 70 -26.01 -1.94 -27.28
CA ASP B 70 -26.60 -1.19 -26.17
C ASP B 70 -27.64 -2.04 -25.46
N PHE B 71 -27.48 -2.21 -24.14
CA PHE B 71 -28.40 -3.00 -23.34
C PHE B 71 -28.66 -2.29 -22.03
N THR B 72 -29.87 -2.48 -21.50
CA THR B 72 -30.30 -1.81 -20.28
C THR B 72 -30.97 -2.81 -19.34
N LEU B 73 -30.72 -2.63 -18.04
CA LEU B 73 -31.40 -3.36 -16.98
C LEU B 73 -32.28 -2.40 -16.22
N THR B 74 -33.56 -2.75 -16.05
CA THR B 74 -34.54 -1.89 -15.41
C THR B 74 -35.11 -2.59 -14.18
N ILE B 75 -35.09 -1.89 -13.06
CA ILE B 75 -35.75 -2.33 -11.83
C ILE B 75 -36.98 -1.44 -11.68
N SER B 76 -38.15 -2.03 -11.89
CA SER B 76 -39.45 -1.30 -11.79
C SER B 76 -39.52 -0.53 -10.47
N SER B 77 -39.48 -1.22 -9.33
CA SER B 77 -39.52 -0.60 -7.99
C SER B 77 -38.33 -1.10 -7.18
N LEU B 78 -37.50 -0.19 -6.66
CA LEU B 78 -36.29 -0.55 -5.89
C LEU B 78 -36.70 -1.13 -4.54
N HIS B 79 -36.74 -2.45 -4.40
CA HIS B 79 -37.04 -3.11 -3.10
C HIS B 79 -35.84 -2.93 -2.17
N PRO B 80 -36.02 -3.10 -0.83
CA PRO B 80 -34.91 -2.97 0.11
C PRO B 80 -33.93 -4.13 -0.04
N GLU B 81 -34.41 -5.31 -0.48
CA GLU B 81 -33.55 -6.48 -0.66
C GLU B 81 -32.75 -6.44 -1.95
N ASP B 82 -32.94 -5.41 -2.79
CA ASP B 82 -32.21 -5.27 -4.04
C ASP B 82 -30.83 -4.66 -3.87
N VAL B 83 -30.40 -4.38 -2.64
CA VAL B 83 -29.06 -3.84 -2.43
C VAL B 83 -28.06 -4.86 -2.95
N ALA B 84 -27.27 -4.46 -3.93
CA ALA B 84 -26.29 -5.35 -4.53
C ALA B 84 -25.49 -4.57 -5.56
N THR B 85 -24.48 -5.24 -6.11
CA THR B 85 -23.72 -4.76 -7.26
C THR B 85 -24.08 -5.64 -8.46
N TYR B 86 -24.41 -5.01 -9.58
CA TYR B 86 -24.91 -5.70 -10.76
C TYR B 86 -23.91 -5.63 -11.90
N TYR B 87 -23.72 -6.76 -12.59
CA TYR B 87 -22.74 -6.89 -13.67
C TYR B 87 -23.41 -7.40 -14.94
N CYS B 88 -22.99 -6.85 -16.08
CA CYS B 88 -23.39 -7.38 -17.39
C CYS B 88 -22.23 -8.17 -17.99
N GLN B 89 -22.57 -9.03 -18.96
CA GLN B 89 -21.56 -9.81 -19.65
C GLN B 89 -22.09 -10.27 -21.00
N GLN B 90 -21.25 -10.15 -22.02
CA GLN B 90 -21.45 -10.79 -23.32
C GLN B 90 -20.37 -11.85 -23.51
N THR B 91 -20.66 -12.84 -24.34
CA THR B 91 -19.83 -14.03 -24.46
C THR B 91 -19.58 -14.38 -25.93
N ASN B 92 -18.39 -14.07 -26.43
CA ASN B 92 -18.01 -14.44 -27.78
C ASN B 92 -17.27 -15.77 -27.76
N SER B 93 -17.64 -16.66 -28.68
CA SER B 93 -17.15 -18.03 -28.67
C SER B 93 -15.82 -18.20 -29.41
N PHE B 94 -15.77 -17.80 -30.69
CA PHE B 94 -14.65 -18.12 -31.57
C PHE B 94 -13.35 -17.54 -31.01
N PRO B 95 -13.17 -16.23 -30.96
CA PRO B 95 -12.27 -15.66 -29.93
C PRO B 95 -12.87 -15.85 -28.56
N PRO B 96 -12.08 -16.21 -27.55
CA PRO B 96 -12.64 -16.42 -26.19
C PRO B 96 -12.68 -15.14 -25.36
N LYS B 97 -13.52 -14.19 -25.77
CA LYS B 97 -13.58 -12.86 -25.15
C LYS B 97 -14.95 -12.65 -24.52
N TRP B 98 -15.05 -12.90 -23.20
CA TRP B 98 -16.29 -12.70 -22.47
C TRP B 98 -16.16 -11.54 -21.50
N PRO B 99 -16.17 -10.29 -21.98
CA PRO B 99 -15.96 -9.16 -21.06
C PRO B 99 -17.13 -8.96 -20.11
N PHE B 100 -16.79 -8.59 -18.87
CA PHE B 100 -17.76 -8.17 -17.88
C PHE B 100 -17.86 -6.65 -17.88
N GLY B 101 -19.05 -6.15 -17.54
CA GLY B 101 -19.18 -4.74 -17.21
C GLY B 101 -18.45 -4.43 -15.92
N GLN B 102 -18.00 -3.18 -15.79
CA GLN B 102 -17.22 -2.79 -14.61
C GLN B 102 -18.06 -2.79 -13.33
N GLY B 103 -19.37 -2.86 -13.43
CA GLY B 103 -20.22 -3.02 -12.27
C GLY B 103 -20.93 -1.73 -11.87
N THR B 104 -22.15 -1.88 -11.35
CA THR B 104 -22.95 -0.78 -10.83
C THR B 104 -23.38 -1.11 -9.41
N LYS B 105 -23.04 -0.24 -8.47
CA LYS B 105 -23.35 -0.44 -7.05
C LYS B 105 -24.66 0.28 -6.73
N VAL B 106 -25.69 -0.50 -6.38
CA VAL B 106 -27.02 0.03 -6.12
C VAL B 106 -27.23 0.13 -4.60
N GLU B 107 -27.42 1.35 -4.11
CA GLU B 107 -27.76 1.62 -2.73
C GLU B 107 -29.08 2.38 -2.67
N ILE B 108 -29.67 2.46 -1.47
CA ILE B 108 -31.03 3.02 -1.29
C ILE B 108 -31.02 4.37 -0.57
N LYS B 109 -32.00 5.23 -0.87
CA LYS B 109 -32.16 6.53 -0.17
C LYS B 109 -33.35 6.36 0.77
N ARG B 110 -33.13 6.46 2.07
CA ARG B 110 -34.21 6.35 3.08
C ARG B 110 -34.16 7.61 3.95
N THR B 111 -35.12 7.79 4.84
CA THR B 111 -35.12 8.92 5.75
C THR B 111 -33.92 8.84 6.68
N VAL B 112 -33.44 10.02 7.10
CA VAL B 112 -32.28 10.08 7.98
C VAL B 112 -32.57 9.36 9.29
N ALA B 113 -31.60 8.57 9.76
CA ALA B 113 -31.69 7.86 11.02
C ALA B 113 -30.39 8.04 11.78
N ALA B 114 -30.48 8.56 13.00
CA ALA B 114 -29.29 8.83 13.79
C ALA B 114 -28.72 7.52 14.36
N PRO B 115 -27.41 7.49 14.61
CA PRO B 115 -26.81 6.25 15.12
C PRO B 115 -27.01 6.07 16.62
N SER B 116 -27.07 4.81 17.03
CA SER B 116 -26.89 4.43 18.42
C SER B 116 -25.40 4.24 18.65
N VAL B 117 -24.86 4.92 19.66
CA VAL B 117 -23.42 4.94 19.90
C VAL B 117 -23.13 4.12 21.15
N PHE B 118 -22.20 3.18 21.03
CA PHE B 118 -21.75 2.35 22.14
C PHE B 118 -20.23 2.37 22.15
N ILE B 119 -19.65 2.42 23.34
CA ILE B 119 -18.20 2.40 23.52
C ILE B 119 -17.84 1.21 24.39
N PHE B 120 -16.84 0.44 23.95
CA PHE B 120 -16.42 -0.78 24.64
C PHE B 120 -14.98 -0.61 25.12
N PRO B 121 -14.71 -0.66 26.41
CA PRO B 121 -13.30 -0.64 26.87
C PRO B 121 -12.61 -1.95 26.49
N PRO B 122 -11.28 -1.96 26.49
CA PRO B 122 -10.57 -3.21 26.19
C PRO B 122 -10.81 -4.25 27.28
N SER B 123 -10.75 -5.52 26.89
CA SER B 123 -10.85 -6.59 27.86
C SER B 123 -9.57 -6.69 28.66
N ASP B 124 -9.68 -7.24 29.87
CA ASP B 124 -8.50 -7.48 30.68
C ASP B 124 -7.60 -8.54 30.04
N GLU B 125 -8.19 -9.48 29.31
CA GLU B 125 -7.37 -10.49 28.62
C GLU B 125 -6.45 -9.85 27.60
N GLN B 126 -6.98 -8.90 26.82
CA GLN B 126 -6.15 -8.23 25.82
C GLN B 126 -5.05 -7.41 26.48
N LEU B 127 -5.41 -6.63 27.52
CA LEU B 127 -4.40 -5.84 28.22
C LEU B 127 -3.30 -6.74 28.77
N LYS B 128 -3.66 -7.95 29.21
CA LYS B 128 -2.68 -8.90 29.69
C LYS B 128 -1.67 -9.26 28.60
N SER B 129 -2.03 -9.08 27.33
CA SER B 129 -1.13 -9.32 26.22
C SER B 129 -0.37 -8.08 25.77
N GLY B 130 -0.63 -6.93 26.40
CA GLY B 130 0.14 -5.73 26.16
C GLY B 130 -0.48 -4.70 25.23
N THR B 131 -1.67 -4.97 24.69
CA THR B 131 -2.32 -4.06 23.76
C THR B 131 -3.73 -3.74 24.25
N ALA B 132 -4.20 -2.55 23.89
CA ALA B 132 -5.53 -2.09 24.26
C ALA B 132 -6.27 -1.65 23.00
N SER B 133 -7.46 -2.21 22.79
CA SER B 133 -8.35 -1.80 21.71
C SER B 133 -9.62 -1.24 22.32
N VAL B 134 -9.93 0.01 21.98
CA VAL B 134 -11.16 0.68 22.41
C VAL B 134 -12.04 0.83 21.18
N VAL B 135 -13.27 0.32 21.26
CA VAL B 135 -14.14 0.22 20.10
C VAL B 135 -15.33 1.16 20.29
N CYS B 136 -15.59 1.97 19.28
CA CYS B 136 -16.74 2.88 19.25
C CYS B 136 -17.68 2.37 18.16
N LEU B 137 -18.93 2.10 18.53
CA LEU B 137 -19.89 1.46 17.64
C LEU B 137 -21.00 2.44 17.30
N LEU B 138 -21.23 2.65 16.01
CA LEU B 138 -22.39 3.37 15.50
C LEU B 138 -23.31 2.35 14.85
N ASN B 139 -24.54 2.24 15.36
CA ASN B 139 -25.44 1.15 14.99
C ASN B 139 -26.65 1.69 14.24
N ASN B 140 -26.90 1.17 13.05
CA ASN B 140 -28.15 1.33 12.32
C ASN B 140 -28.49 2.80 12.07
N PHE B 141 -27.66 3.43 11.23
CA PHE B 141 -27.84 4.83 10.87
C PHE B 141 -27.81 4.98 9.35
N TYR B 142 -28.36 6.12 8.89
CA TYR B 142 -28.31 6.53 7.48
C TYR B 142 -28.30 8.05 7.45
N PRO B 143 -27.51 8.68 6.56
CA PRO B 143 -26.61 8.13 5.54
C PRO B 143 -25.26 7.65 6.07
N ARG B 144 -24.44 7.01 5.23
CA ARG B 144 -23.19 6.41 5.70
C ARG B 144 -22.23 7.48 6.25
N GLU B 145 -22.19 8.65 5.62
CA GLU B 145 -21.21 9.66 6.01
C GLU B 145 -21.36 10.01 7.48
N ALA B 146 -20.25 9.95 8.21
CA ALA B 146 -20.24 10.23 9.64
C ALA B 146 -18.80 10.40 10.10
N LYS B 147 -18.61 11.27 11.08
CA LYS B 147 -17.30 11.59 11.63
C LYS B 147 -17.22 11.04 13.05
N VAL B 148 -16.23 10.19 13.30
CA VAL B 148 -15.95 9.66 14.63
C VAL B 148 -14.59 10.19 15.05
N GLN B 149 -14.57 10.99 16.11
CA GLN B 149 -13.35 11.58 16.64
C GLN B 149 -13.06 10.99 18.01
N TRP B 150 -11.86 10.43 18.16
CA TRP B 150 -11.42 9.90 19.44
C TRP B 150 -10.75 11.01 20.24
N LYS B 151 -11.12 11.13 21.51
CA LYS B 151 -10.52 12.07 22.44
C LYS B 151 -10.10 11.32 23.69
N VAL B 152 -8.83 11.43 24.05
CA VAL B 152 -8.27 10.80 25.24
C VAL B 152 -7.83 11.92 26.18
N ASP B 153 -8.48 11.98 27.34
CA ASP B 153 -8.29 13.10 28.26
C ASP B 153 -8.45 14.44 27.53
N ASN B 154 -9.40 14.46 26.58
CA ASN B 154 -9.80 15.63 25.81
C ASN B 154 -8.80 16.02 24.73
N ALA B 155 -7.84 15.15 24.39
CA ALA B 155 -6.88 15.43 23.34
C ALA B 155 -7.29 14.68 22.08
N LEU B 156 -7.54 15.43 21.00
CA LEU B 156 -7.97 14.82 19.76
C LEU B 156 -6.92 13.83 19.26
N GLN B 157 -7.39 12.66 18.85
CA GLN B 157 -6.52 11.58 18.40
C GLN B 157 -6.57 11.47 16.87
N SER B 158 -5.44 11.08 16.30
CA SER B 158 -5.36 10.85 14.87
C SER B 158 -4.20 9.89 14.59
N GLY B 159 -4.42 8.98 13.64
CA GLY B 159 -3.41 8.02 13.25
C GLY B 159 -3.37 6.72 14.02
N ASN B 160 -4.19 6.56 15.06
CA ASN B 160 -4.20 5.34 15.87
C ASN B 160 -5.57 4.66 15.88
N SER B 161 -6.46 5.03 14.97
CA SER B 161 -7.80 4.44 14.90
C SER B 161 -8.11 3.98 13.48
N GLN B 162 -9.02 3.03 13.37
CA GLN B 162 -9.49 2.54 12.08
C GLN B 162 -10.99 2.28 12.11
N GLU B 163 -11.65 2.59 11.00
CA GLU B 163 -13.09 2.45 10.87
C GLU B 163 -13.42 1.28 9.94
N SER B 164 -14.58 0.67 10.18
CA SER B 164 -15.07 -0.42 9.36
C SER B 164 -16.58 -0.25 9.22
N VAL B 165 -17.08 -0.35 8.00
CA VAL B 165 -18.49 -0.09 7.70
C VAL B 165 -19.09 -1.32 7.05
N THR B 166 -20.26 -1.75 7.54
CA THR B 166 -21.01 -2.79 6.88
C THR B 166 -21.66 -2.24 5.61
N GLU B 167 -22.05 -3.14 4.73
CA GLU B 167 -22.85 -2.72 3.58
C GLU B 167 -24.30 -2.50 4.03
N GLN B 168 -25.06 -1.82 3.17
CA GLN B 168 -26.41 -1.41 3.53
C GLN B 168 -27.27 -2.61 3.86
N ASP B 169 -27.97 -2.54 4.98
CA ASP B 169 -28.83 -3.64 5.41
C ASP B 169 -29.94 -3.86 4.40
N SER B 170 -30.23 -5.13 4.11
CA SER B 170 -31.21 -5.46 3.08
C SER B 170 -32.65 -5.37 3.57
N LYS B 171 -32.86 -5.00 4.83
CA LYS B 171 -34.22 -4.86 5.41
C LYS B 171 -34.50 -3.42 5.81
N ASP B 172 -33.56 -2.73 6.47
CA ASP B 172 -33.80 -1.36 7.00
C ASP B 172 -33.06 -0.30 6.16
N SER B 173 -32.14 -0.71 5.27
CA SER B 173 -31.36 0.21 4.42
C SER B 173 -30.60 1.21 5.30
N THR B 174 -30.08 0.78 6.45
CA THR B 174 -29.26 1.62 7.36
C THR B 174 -27.96 0.86 7.61
N TYR B 175 -26.84 1.57 7.79
CA TYR B 175 -25.50 0.93 7.94
C TYR B 175 -25.05 0.86 9.40
N SER B 176 -23.89 0.25 9.65
CA SER B 176 -23.25 0.18 10.95
C SER B 176 -21.76 0.43 10.77
N LEU B 177 -21.13 0.98 11.80
CA LEU B 177 -19.75 1.39 11.73
C LEU B 177 -19.06 1.10 13.07
N SER B 178 -17.85 0.56 12.99
CA SER B 178 -17.00 0.35 14.16
C SER B 178 -15.72 1.13 13.97
N SER B 179 -15.35 1.90 14.98
CA SER B 179 -14.08 2.63 15.02
C SER B 179 -13.29 2.08 16.19
N THR B 180 -12.08 1.59 15.92
CA THR B 180 -11.26 0.91 16.93
C THR B 180 -10.00 1.72 17.18
N LEU B 181 -9.85 2.21 18.41
CA LEU B 181 -8.65 2.90 18.84
C LEU B 181 -7.68 1.86 19.40
N THR B 182 -6.54 1.69 18.75
CA THR B 182 -5.54 0.71 19.17
C THR B 182 -4.38 1.43 19.84
N LEU B 183 -4.10 1.06 21.09
CA LEU B 183 -3.02 1.66 21.86
C LEU B 183 -2.23 0.56 22.56
N SER B 184 -0.99 0.88 22.92
CA SER B 184 -0.23 0.01 23.79
C SER B 184 -0.77 0.08 25.22
N LYS B 185 -0.51 -0.97 25.99
CA LYS B 185 -0.97 -0.97 27.37
C LYS B 185 -0.41 0.21 28.15
N ALA B 186 0.87 0.52 27.95
CA ALA B 186 1.48 1.63 28.66
C ALA B 186 0.81 2.96 28.32
N ASP B 187 0.54 3.19 27.03
CA ASP B 187 -0.15 4.42 26.64
C ASP B 187 -1.59 4.42 27.12
N TYR B 188 -2.25 3.25 27.12
CA TYR B 188 -3.63 3.20 27.59
C TYR B 188 -3.73 3.56 29.06
N GLU B 189 -2.83 3.03 29.88
CA GLU B 189 -2.86 3.28 31.32
C GLU B 189 -2.37 4.68 31.69
N LYS B 190 -1.87 5.46 30.72
CA LYS B 190 -1.38 6.81 30.99
C LYS B 190 -2.49 7.85 31.05
N HIS B 191 -3.72 7.51 30.66
CA HIS B 191 -4.83 8.45 30.62
C HIS B 191 -6.05 7.79 31.26
N LYS B 192 -6.97 8.62 31.75
CA LYS B 192 -8.14 8.15 32.48
C LYS B 192 -9.40 8.15 31.63
N VAL B 193 -9.67 9.24 30.90
CA VAL B 193 -10.93 9.41 30.18
C VAL B 193 -10.71 9.04 28.72
N TYR B 194 -11.53 8.12 28.22
CA TYR B 194 -11.54 7.73 26.81
C TYR B 194 -12.93 7.94 26.25
N ALA B 195 -13.04 8.68 25.15
CA ALA B 195 -14.31 9.01 24.54
C ALA B 195 -14.20 9.00 23.02
N CYS B 196 -15.32 8.77 22.36
CA CYS B 196 -15.47 8.99 20.93
C CYS B 196 -16.60 9.97 20.68
N GLU B 197 -16.35 10.98 19.85
CA GLU B 197 -17.34 11.98 19.50
C GLU B 197 -17.88 11.68 18.11
N VAL B 198 -19.20 11.49 18.03
CA VAL B 198 -19.87 11.12 16.78
C VAL B 198 -20.63 12.35 16.30
N THR B 199 -20.34 12.77 15.07
CA THR B 199 -21.06 13.83 14.40
C THR B 199 -21.79 13.25 13.21
N HIS B 200 -23.10 13.49 13.13
CA HIS B 200 -23.91 12.89 12.08
C HIS B 200 -25.13 13.79 11.85
N GLN B 201 -25.62 13.74 10.60
CA GLN B 201 -26.74 14.60 10.22
C GLN B 201 -27.99 14.29 11.03
N GLY B 202 -28.18 13.03 11.44
CA GLY B 202 -29.32 12.69 12.26
C GLY B 202 -29.22 13.15 13.70
N LEU B 203 -28.07 13.67 14.10
CA LEU B 203 -27.84 14.18 15.44
C LEU B 203 -27.86 15.70 15.40
N SER B 204 -28.69 16.29 16.27
CA SER B 204 -28.79 17.75 16.32
C SER B 204 -27.47 18.38 16.73
N SER B 205 -26.78 17.78 17.68
CA SER B 205 -25.45 18.21 18.11
C SER B 205 -24.58 16.98 18.31
N PRO B 206 -23.25 17.14 18.29
CA PRO B 206 -22.37 15.97 18.39
C PRO B 206 -22.61 15.20 19.68
N VAL B 207 -22.47 13.88 19.57
CA VAL B 207 -22.67 12.95 20.68
C VAL B 207 -21.31 12.41 21.11
N THR B 208 -21.09 12.36 22.43
CA THR B 208 -19.84 11.86 22.99
C THR B 208 -20.15 10.75 23.98
N LYS B 209 -19.53 9.58 23.77
CA LYS B 209 -19.59 8.47 24.71
C LYS B 209 -18.19 8.28 25.30
N SER B 210 -18.12 8.19 26.62
CA SER B 210 -16.83 8.14 27.31
C SER B 210 -16.88 7.10 28.42
N PHE B 211 -15.71 6.81 28.97
CA PHE B 211 -15.60 5.96 30.16
C PHE B 211 -14.31 6.30 30.89
N ASN B 212 -14.32 6.12 32.20
CA ASN B 212 -13.11 6.19 33.03
C ASN B 212 -12.68 4.78 33.37
N ARG B 213 -11.37 4.53 33.32
CA ARG B 213 -10.85 3.20 33.60
C ARG B 213 -11.34 2.72 34.97
N GLY B 214 -11.30 1.41 35.16
CA GLY B 214 -11.73 0.79 36.41
C GLY B 214 -13.16 0.27 36.39
N GLU B 215 -14.11 1.11 35.95
CA GLU B 215 -15.55 0.78 35.94
C GLU B 215 -16.36 2.04 36.23
N GLN C 1 15.79 16.35 -22.61
CA GLN C 1 17.16 16.77 -22.21
C GLN C 1 17.14 18.03 -21.35
N VAL C 2 15.95 18.46 -20.93
CA VAL C 2 15.81 19.66 -20.13
C VAL C 2 16.22 19.29 -18.71
N GLN C 3 17.40 19.75 -18.29
CA GLN C 3 17.97 19.35 -17.01
C GLN C 3 18.72 20.52 -16.39
N LEU C 4 18.93 20.41 -15.09
CA LEU C 4 19.89 21.23 -14.36
C LEU C 4 20.97 20.31 -13.83
N VAL C 5 22.23 20.63 -14.13
CA VAL C 5 23.39 19.85 -13.71
C VAL C 5 24.10 20.60 -12.60
N GLN C 6 24.38 19.93 -11.50
CA GLN C 6 25.05 20.53 -10.36
C GLN C 6 26.42 19.89 -10.15
N SER C 7 27.29 20.63 -9.48
CA SER C 7 28.60 20.10 -9.13
C SER C 7 28.47 18.95 -8.14
N GLY C 8 29.59 18.28 -7.86
CA GLY C 8 29.58 17.08 -7.06
C GLY C 8 29.58 17.35 -5.57
N SER C 9 29.65 16.27 -4.80
CA SER C 9 29.69 16.35 -3.36
C SER C 9 31.02 16.89 -2.88
N GLU C 10 30.99 17.61 -1.75
CA GLU C 10 32.18 18.27 -1.23
C GLU C 10 32.28 18.09 0.27
N LEU C 11 33.52 18.05 0.75
CA LEU C 11 33.84 18.06 2.16
C LEU C 11 34.67 19.30 2.44
N LYS C 12 34.29 20.05 3.46
CA LYS C 12 34.98 21.27 3.80
C LYS C 12 35.11 21.38 5.31
N LYS C 13 36.25 21.86 5.77
CA LYS C 13 36.47 22.05 7.18
C LYS C 13 35.60 23.20 7.68
N PRO C 14 35.27 23.21 8.97
CA PRO C 14 34.57 24.37 9.52
C PRO C 14 35.37 25.64 9.28
N GLY C 15 34.68 26.70 8.88
CA GLY C 15 35.33 27.95 8.55
C GLY C 15 35.77 28.08 7.11
N ALA C 16 35.72 27.01 6.32
CA ALA C 16 36.11 27.08 4.92
C ALA C 16 34.92 27.54 4.08
N SER C 17 35.11 27.61 2.77
CA SER C 17 34.06 28.05 1.85
C SER C 17 33.92 27.03 0.73
N VAL C 18 32.69 26.90 0.23
CA VAL C 18 32.38 26.00 -0.87
C VAL C 18 31.56 26.77 -1.90
N LYS C 19 31.83 26.51 -3.17
CA LYS C 19 31.10 27.11 -4.28
C LYS C 19 30.53 25.99 -5.14
N VAL C 20 29.21 25.90 -5.18
CA VAL C 20 28.51 24.88 -5.94
C VAL C 20 27.95 25.51 -7.20
N SER C 21 27.93 24.75 -8.29
CA SER C 21 27.53 25.23 -9.60
C SER C 21 26.21 24.60 -10.01
N CYS C 22 25.55 25.26 -10.97
CA CYS C 22 24.31 24.74 -11.54
C CYS C 22 24.23 25.19 -12.99
N GLU C 23 24.31 24.24 -13.92
CA GLU C 23 24.36 24.52 -15.34
C GLU C 23 23.05 24.13 -16.00
N ALA C 24 22.52 25.03 -16.83
CA ALA C 24 21.28 24.77 -17.55
C ALA C 24 21.58 24.02 -18.84
N SER C 25 20.85 22.92 -19.06
CA SER C 25 20.98 22.12 -20.27
C SER C 25 19.60 21.79 -20.81
N GLY C 26 19.47 21.85 -22.14
CA GLY C 26 18.23 21.50 -22.79
C GLY C 26 17.25 22.64 -22.97
N TYR C 27 17.46 23.78 -22.31
CA TYR C 27 16.58 24.92 -22.44
C TYR C 27 17.41 26.19 -22.50
N THR C 28 16.81 27.25 -23.04
CA THR C 28 17.49 28.53 -23.14
C THR C 28 17.67 29.11 -21.74
N PHE C 29 18.91 29.12 -21.26
CA PHE C 29 19.21 29.76 -19.99
C PHE C 29 18.91 31.26 -20.09
N THR C 30 18.56 31.84 -18.95
CA THR C 30 18.18 33.25 -18.80
C THR C 30 16.73 33.52 -19.20
N ASP C 31 15.99 32.52 -19.70
CA ASP C 31 14.55 32.70 -19.87
C ASP C 31 13.82 32.58 -18.53
N TYR C 32 14.38 31.82 -17.60
CA TYR C 32 13.76 31.57 -16.31
C TYR C 32 14.79 31.74 -15.21
N ALA C 33 14.34 32.26 -14.07
CA ALA C 33 15.22 32.44 -12.93
C ALA C 33 15.62 31.09 -12.35
N ILE C 34 16.62 31.12 -11.48
CA ILE C 34 17.09 29.94 -10.78
C ILE C 34 16.93 30.17 -9.28
N THR C 35 16.47 29.14 -8.59
CA THR C 35 16.27 29.20 -7.14
C THR C 35 16.97 28.02 -6.49
N TRP C 36 17.27 28.18 -5.21
CA TRP C 36 18.02 27.18 -4.44
C TRP C 36 17.21 26.71 -3.25
N VAL C 37 17.29 25.41 -2.98
CA VAL C 37 16.60 24.79 -1.85
C VAL C 37 17.57 23.89 -1.11
N ARG C 38 17.50 23.92 0.21
CA ARG C 38 18.41 23.19 1.08
C ARG C 38 17.63 22.12 1.84
N GLN C 39 18.30 21.03 2.17
CA GLN C 39 17.69 19.96 2.95
C GLN C 39 18.73 19.32 3.84
N ALA C 40 18.67 19.63 5.14
CA ALA C 40 19.57 19.00 6.09
C ALA C 40 19.24 17.51 6.21
N PRO C 41 20.22 16.69 6.56
CA PRO C 41 19.98 15.24 6.64
C PRO C 41 18.80 14.90 7.55
N GLY C 42 17.82 14.19 7.00
CA GLY C 42 16.64 13.80 7.74
C GLY C 42 15.63 14.90 7.96
N GLN C 43 15.81 16.06 7.34
CA GLN C 43 14.97 17.22 7.55
C GLN C 43 14.19 17.56 6.28
N GLY C 44 13.26 18.49 6.44
CA GLY C 44 12.47 18.95 5.32
C GLY C 44 13.22 19.95 4.47
N LEU C 45 12.50 20.52 3.51
CA LEU C 45 13.08 21.49 2.60
C LEU C 45 13.04 22.88 3.23
N GLU C 46 14.03 23.70 2.85
CA GLU C 46 14.15 25.07 3.35
C GLU C 46 14.58 25.93 2.18
N TRP C 47 13.70 26.83 1.76
CA TRP C 47 14.01 27.70 0.63
C TRP C 47 15.10 28.70 1.02
N MET C 48 15.96 29.01 0.06
CA MET C 48 17.12 29.87 0.31
C MET C 48 17.03 31.18 -0.44
N ALA C 49 16.89 31.15 -1.75
CA ALA C 49 16.94 32.37 -2.56
C ALA C 49 16.66 32.01 -4.01
N TRP C 50 16.34 33.04 -4.79
CA TRP C 50 16.25 32.94 -6.24
C TRP C 50 17.05 34.08 -6.86
N ILE C 51 17.65 33.81 -8.02
CA ILE C 51 18.57 34.74 -8.66
C ILE C 51 18.05 35.02 -10.07
N ASN C 52 18.01 36.31 -10.43
CA ASN C 52 17.57 36.73 -11.75
C ASN C 52 18.67 36.41 -12.77
N THR C 53 18.40 35.48 -13.69
CA THR C 53 19.41 35.04 -14.64
C THR C 53 19.76 36.12 -15.67
N ASN C 54 18.97 37.18 -15.81
CA ASN C 54 19.33 38.27 -16.71
C ASN C 54 20.20 39.30 -16.00
N THR C 55 19.67 39.90 -14.93
CA THR C 55 20.37 40.97 -14.23
C THR C 55 21.38 40.40 -13.24
N GLY C 56 20.98 39.37 -12.49
CA GLY C 56 21.85 38.77 -11.50
C GLY C 56 21.52 39.15 -10.08
N ASN C 57 20.46 39.92 -9.85
CA ASN C 57 20.09 40.32 -8.50
C ASN C 57 19.47 39.13 -7.76
N PRO C 58 20.04 38.68 -6.65
CA PRO C 58 19.41 37.61 -5.88
C PRO C 58 18.34 38.15 -4.94
N THR C 59 17.49 37.24 -4.49
CA THR C 59 16.46 37.54 -3.50
C THR C 59 16.47 36.37 -2.52
N SER C 60 16.95 36.60 -1.31
CA SER C 60 17.22 35.53 -0.37
C SER C 60 16.34 35.63 0.87
N ALA C 61 16.09 34.48 1.48
CA ALA C 61 15.43 34.44 2.77
C ALA C 61 16.36 35.01 3.84
N GLN C 62 15.78 35.33 4.99
CA GLN C 62 16.53 36.02 6.04
C GLN C 62 17.80 35.26 6.41
N GLY C 63 17.70 33.94 6.57
CA GLY C 63 18.81 33.16 7.04
C GLY C 63 19.90 32.88 6.04
N PHE C 64 19.77 33.35 4.79
CA PHE C 64 20.67 32.99 3.70
C PHE C 64 21.18 34.23 2.99
N THR C 65 21.66 35.19 3.76
CA THR C 65 22.25 36.41 3.20
C THR C 65 23.62 36.65 3.82
N GLY C 66 24.51 37.24 3.02
CA GLY C 66 25.83 37.62 3.51
C GLY C 66 26.79 36.45 3.56
N ARG C 67 26.50 35.49 4.45
CA ARG C 67 27.29 34.26 4.48
C ARG C 67 27.09 33.45 3.20
N PHE C 68 25.96 33.64 2.53
CA PHE C 68 25.62 32.95 1.29
C PHE C 68 25.67 33.96 0.14
N VAL C 69 26.41 33.63 -0.92
CA VAL C 69 26.62 34.55 -2.07
C VAL C 69 25.97 33.96 -3.32
N PHE C 70 24.79 34.42 -3.73
CA PHE C 70 24.14 33.92 -4.97
C PHE C 70 24.71 34.75 -6.11
N SER C 71 25.23 34.13 -7.16
CA SER C 71 25.91 34.86 -8.26
C SER C 71 25.67 34.23 -9.63
N LEU C 72 26.23 34.82 -10.69
CA LEU C 72 26.12 34.28 -12.07
C LEU C 72 27.44 34.54 -12.80
N GLY C 73 28.22 33.50 -13.10
CA GLY C 73 29.54 33.68 -13.71
C GLY C 73 29.46 34.13 -15.15
N THR C 74 30.60 34.47 -15.75
CA THR C 74 30.66 34.89 -17.17
C THR C 74 29.86 33.89 -18.01
N SER C 75 29.93 32.60 -17.65
CA SER C 75 29.23 31.52 -18.40
C SER C 75 27.72 31.76 -18.40
N VAL C 76 27.09 31.75 -19.57
CA VAL C 76 25.60 31.93 -19.69
C VAL C 76 24.96 30.55 -19.64
N ASN C 77 25.70 29.52 -19.17
CA ASN C 77 25.18 28.14 -19.04
C ASN C 77 25.30 27.71 -17.58
N THR C 78 25.33 28.65 -16.61
CA THR C 78 25.50 28.30 -15.17
C THR C 78 25.25 29.43 -14.16
N THR C 79 24.96 29.10 -12.89
CA THR C 79 24.78 30.04 -11.74
C THR C 79 25.50 29.42 -10.55
N TYR C 80 25.89 30.17 -9.53
CA TYR C 80 26.70 29.64 -8.45
C TYR C 80 26.15 30.04 -7.09
N LEU C 81 26.36 29.14 -6.12
CA LEU C 81 26.07 29.40 -4.71
C LEU C 81 27.37 29.22 -3.93
N GLN C 82 27.70 30.20 -3.09
CA GLN C 82 28.91 30.17 -2.29
C GLN C 82 28.54 30.39 -0.83
N ILE C 83 29.07 29.54 0.04
CA ILE C 83 28.89 29.65 1.49
C ILE C 83 30.23 29.97 2.10
N ARG C 84 30.26 30.96 2.99
CA ARG C 84 31.51 31.56 3.43
C ARG C 84 32.08 30.94 4.71
N SER C 85 31.25 30.76 5.74
CA SER C 85 31.77 30.29 7.02
C SER C 85 31.57 28.80 7.26
N LEU C 86 30.50 28.20 6.76
CA LEU C 86 30.29 26.76 6.86
C LEU C 86 30.30 26.29 8.33
N ARG C 87 29.26 26.70 9.04
CA ARG C 87 28.94 26.07 10.31
C ARG C 87 28.57 24.60 10.09
N ALA C 88 28.45 23.86 11.20
CA ALA C 88 28.02 22.47 11.10
C ALA C 88 26.57 22.36 10.65
N GLU C 89 25.77 23.40 10.91
CA GLU C 89 24.37 23.42 10.49
C GLU C 89 24.23 23.51 8.98
N ASP C 90 25.30 23.89 8.26
CA ASP C 90 25.25 23.99 6.81
C ASP C 90 25.36 22.64 6.11
N THR C 91 25.71 21.58 6.84
CA THR C 91 25.77 20.25 6.25
C THR C 91 24.41 19.85 5.70
N ALA C 92 24.30 19.71 4.39
CA ALA C 92 23.02 19.43 3.76
C ALA C 92 23.21 19.19 2.28
N VAL C 93 22.11 18.79 1.63
CA VAL C 93 22.03 18.71 0.18
C VAL C 93 21.41 20.00 -0.32
N TYR C 94 22.06 20.65 -1.28
CA TYR C 94 21.60 21.91 -1.83
C TYR C 94 21.07 21.67 -3.23
N TYR C 95 19.76 21.80 -3.41
CA TYR C 95 19.09 21.52 -4.71
C TYR C 95 18.99 22.79 -5.54
N CYS C 96 19.41 22.75 -6.80
CA CYS C 96 19.25 23.87 -7.74
C CYS C 96 17.90 23.63 -8.38
N ALA C 97 17.20 24.65 -8.87
CA ALA C 97 15.93 24.44 -9.58
C ALA C 97 15.59 25.65 -10.42
N ARG C 98 14.78 25.45 -11.46
CA ARG C 98 14.31 26.52 -12.32
C ARG C 98 13.01 27.08 -11.76
N LEU C 99 12.94 28.40 -11.65
CA LEU C 99 11.81 29.07 -11.02
C LEU C 99 10.82 29.52 -12.08
N ARG C 100 9.55 29.20 -11.85
CA ARG C 100 8.48 29.55 -12.77
C ARG C 100 7.48 30.45 -12.05
N ARG C 101 6.89 31.37 -12.80
CA ARG C 101 5.94 32.34 -12.25
C ARG C 101 4.56 32.04 -12.81
N GLY C 102 3.59 31.83 -11.92
CA GLY C 102 2.20 31.70 -12.25
C GLY C 102 1.40 32.95 -11.98
N GLY C 103 2.05 34.03 -11.53
CA GLY C 103 1.41 35.27 -11.14
C GLY C 103 1.86 35.70 -9.77
N TYR C 104 1.36 36.87 -9.36
CA TYR C 104 1.75 37.43 -8.07
C TYR C 104 1.66 36.40 -6.95
N ASN C 105 2.81 36.04 -6.38
CA ASN C 105 2.87 35.10 -5.27
C ASN C 105 2.45 33.69 -5.70
N ASN C 106 2.68 33.36 -6.97
CA ASN C 106 2.45 32.02 -7.49
C ASN C 106 3.74 31.53 -8.17
N TYR C 107 4.71 31.17 -7.34
CA TYR C 107 6.02 30.73 -7.80
C TYR C 107 6.18 29.24 -7.52
N TYR C 108 6.79 28.52 -8.45
CA TYR C 108 6.98 27.09 -8.33
C TYR C 108 8.22 26.68 -9.10
N MET C 109 8.71 25.48 -8.81
CA MET C 109 9.94 24.95 -9.41
C MET C 109 9.57 23.70 -10.21
N ASP C 110 9.74 23.77 -11.53
CA ASP C 110 9.32 22.68 -12.41
C ASP C 110 10.43 21.68 -12.70
N VAL C 111 11.68 22.13 -12.81
CA VAL C 111 12.82 21.27 -13.11
C VAL C 111 13.80 21.39 -11.94
N TRP C 112 14.22 20.24 -11.41
CA TRP C 112 15.10 20.20 -10.25
C TRP C 112 16.41 19.52 -10.61
N GLY C 113 17.51 20.09 -10.13
CA GLY C 113 18.79 19.43 -10.21
C GLY C 113 18.89 18.29 -9.24
N THR C 114 19.90 17.43 -9.44
CA THR C 114 20.05 16.25 -8.61
C THR C 114 20.55 16.57 -7.21
N GLY C 115 21.05 17.78 -6.98
CA GLY C 115 21.53 18.17 -5.67
C GLY C 115 23.02 17.98 -5.52
N SER C 116 23.63 18.84 -4.71
CA SER C 116 25.04 18.77 -4.38
C SER C 116 25.16 18.64 -2.87
N MET C 117 25.79 17.57 -2.42
CA MET C 117 25.90 17.30 -0.98
C MET C 117 27.17 17.94 -0.43
N VAL C 118 27.00 18.77 0.60
CA VAL C 118 28.10 19.44 1.26
C VAL C 118 28.13 18.98 2.71
N THR C 119 29.26 18.45 3.13
CA THR C 119 29.48 18.05 4.51
C THR C 119 30.52 18.98 5.13
N VAL C 120 30.26 19.43 6.35
CA VAL C 120 31.16 20.31 7.06
C VAL C 120 31.69 19.53 8.26
N SER C 121 32.97 19.22 8.22
CA SER C 121 33.59 18.43 9.27
C SER C 121 35.10 18.60 9.19
N SER C 122 35.75 18.55 10.35
CA SER C 122 37.20 18.60 10.41
C SER C 122 37.85 17.29 9.98
N ALA C 123 37.09 16.22 9.82
CA ALA C 123 37.67 14.95 9.45
C ALA C 123 38.18 14.99 8.02
N SER C 124 39.11 14.10 7.72
CA SER C 124 39.70 13.99 6.39
C SER C 124 38.87 13.08 5.51
N THR C 125 39.05 13.23 4.19
CA THR C 125 38.40 12.34 3.25
C THR C 125 39.03 10.96 3.31
N LYS C 126 38.20 9.93 3.21
CA LYS C 126 38.66 8.55 3.18
C LYS C 126 37.84 7.76 2.18
N GLY C 127 38.52 7.06 1.28
CA GLY C 127 37.86 6.21 0.31
C GLY C 127 37.46 4.88 0.91
N PRO C 128 36.41 4.26 0.37
CA PRO C 128 35.90 3.03 0.96
C PRO C 128 36.73 1.80 0.57
N SER C 129 36.63 0.79 1.42
CA SER C 129 37.06 -0.56 1.09
C SER C 129 35.83 -1.36 0.68
N VAL C 130 35.93 -2.09 -0.43
CA VAL C 130 34.82 -2.87 -0.95
C VAL C 130 35.17 -4.34 -0.74
N PHE C 131 34.29 -5.06 -0.06
CA PHE C 131 34.45 -6.47 0.21
C PHE C 131 33.27 -7.24 -0.37
N PRO C 132 33.47 -8.50 -0.73
CA PRO C 132 32.37 -9.27 -1.30
C PRO C 132 31.47 -9.85 -0.23
N LEU C 133 30.17 -9.90 -0.56
CA LEU C 133 29.20 -10.70 0.18
C LEU C 133 28.92 -11.91 -0.70
N ALA C 134 29.79 -12.91 -0.58
CA ALA C 134 29.78 -14.02 -1.53
C ALA C 134 28.48 -14.81 -1.38
N PRO C 135 27.88 -15.24 -2.49
CA PRO C 135 26.66 -16.04 -2.39
C PRO C 135 26.95 -17.37 -1.71
N SER C 136 26.20 -17.68 -0.64
CA SER C 136 26.39 -18.93 0.14
C SER C 136 26.24 -20.14 -0.79
N SER C 137 27.06 -21.17 -0.59
CA SER C 137 27.04 -22.40 -1.42
C SER C 137 25.70 -23.09 -1.25
N LYS C 138 25.03 -22.84 -0.13
CA LYS C 138 23.69 -23.41 0.12
C LYS C 138 22.70 -22.69 -0.80
N SER C 139 23.00 -21.45 -1.20
CA SER C 139 22.11 -20.62 -2.06
C SER C 139 20.66 -21.08 -1.91
N GLY C 142 15.41 -21.30 -2.02
CA GLY C 142 14.51 -21.78 -3.09
C GLY C 142 14.83 -21.24 -4.47
N GLY C 143 15.68 -21.93 -5.23
CA GLY C 143 16.05 -21.55 -6.61
C GLY C 143 16.52 -20.12 -6.69
N THR C 144 16.82 -19.50 -5.55
CA THR C 144 17.27 -18.09 -5.50
C THR C 144 18.47 -18.00 -4.60
N ALA C 145 19.35 -17.05 -4.86
CA ALA C 145 20.58 -16.83 -4.13
C ALA C 145 20.80 -15.33 -3.97
N ALA C 146 21.48 -14.95 -2.89
CA ALA C 146 21.75 -13.55 -2.59
C ALA C 146 23.25 -13.32 -2.53
N LEU C 147 23.68 -12.14 -3.02
CA LEU C 147 25.08 -11.73 -2.99
C LEU C 147 25.12 -10.21 -3.00
N GLY C 148 26.27 -9.66 -2.64
CA GLY C 148 26.35 -8.22 -2.55
C GLY C 148 27.77 -7.72 -2.33
N CYS C 149 27.85 -6.41 -2.06
CA CYS C 149 29.11 -5.72 -1.79
C CYS C 149 28.99 -4.95 -0.49
N LEU C 150 30.02 -5.04 0.34
CA LEU C 150 30.11 -4.27 1.59
C LEU C 150 31.06 -3.10 1.35
N VAL C 151 30.51 -1.89 1.41
CA VAL C 151 31.29 -0.67 1.20
C VAL C 151 31.53 -0.06 2.58
N LYS C 152 32.77 -0.11 3.04
CA LYS C 152 33.10 0.11 4.44
C LYS C 152 34.15 1.20 4.61
N ASP C 153 33.98 1.98 5.68
CA ASP C 153 34.98 2.94 6.17
C ASP C 153 35.33 3.99 5.11
N TYR C 154 34.33 4.83 4.82
CA TYR C 154 34.53 5.99 3.96
C TYR C 154 33.93 7.22 4.61
N PHE C 155 34.41 8.39 4.16
CA PHE C 155 33.92 9.67 4.66
C PHE C 155 34.31 10.75 3.65
N PRO C 156 33.42 11.70 3.33
CA PRO C 156 32.03 11.83 3.78
C PRO C 156 31.07 11.07 2.87
N GLU C 157 29.78 11.26 3.08
CA GLU C 157 28.79 10.84 2.11
C GLU C 157 28.96 11.66 0.84
N PRO C 158 28.48 11.16 -0.32
CA PRO C 158 27.82 9.88 -0.56
C PRO C 158 28.63 8.87 -1.36
N VAL C 159 28.14 7.64 -1.41
CA VAL C 159 28.66 6.59 -2.27
C VAL C 159 27.54 6.10 -3.16
N THR C 160 27.86 5.86 -4.44
CA THR C 160 26.92 5.30 -5.40
C THR C 160 27.36 3.90 -5.79
N VAL C 161 26.38 2.99 -5.88
CA VAL C 161 26.63 1.61 -6.23
C VAL C 161 25.70 1.22 -7.37
N SER C 162 26.28 0.66 -8.43
CA SER C 162 25.54 0.05 -9.52
C SER C 162 26.08 -1.36 -9.73
N TRP C 163 25.29 -2.19 -10.38
CA TRP C 163 25.65 -3.58 -10.63
C TRP C 163 25.82 -3.81 -12.13
N ASN C 164 26.95 -4.42 -12.49
CA ASN C 164 27.26 -4.73 -13.88
C ASN C 164 27.09 -3.49 -14.77
N SER C 165 27.62 -2.37 -14.28
CA SER C 165 27.61 -1.10 -15.02
C SER C 165 26.19 -0.73 -15.44
N GLY C 166 25.24 -0.95 -14.53
CA GLY C 166 23.84 -0.60 -14.76
C GLY C 166 23.02 -1.64 -15.47
N ALA C 167 23.64 -2.73 -15.96
CA ALA C 167 22.87 -3.75 -16.66
C ALA C 167 21.97 -4.52 -15.70
N LEU C 168 22.34 -4.57 -14.43
CA LEU C 168 21.58 -5.29 -13.41
C LEU C 168 20.94 -4.27 -12.47
N THR C 169 19.61 -4.17 -12.55
CA THR C 169 18.84 -3.27 -11.69
C THR C 169 17.76 -3.99 -10.91
N SER C 170 17.09 -4.97 -11.51
CA SER C 170 16.03 -5.69 -10.83
C SER C 170 16.58 -6.49 -9.66
N GLY C 171 15.87 -6.41 -8.53
CA GLY C 171 16.24 -7.14 -7.33
C GLY C 171 17.36 -6.52 -6.52
N VAL C 172 17.88 -5.37 -6.93
CA VAL C 172 19.01 -4.74 -6.26
C VAL C 172 18.50 -3.92 -5.09
N HIS C 173 19.13 -4.09 -3.92
CA HIS C 173 18.83 -3.29 -2.73
C HIS C 173 20.12 -2.69 -2.21
N THR C 174 20.23 -1.36 -2.29
CA THR C 174 21.35 -0.60 -1.75
C THR C 174 20.89 0.12 -0.50
N PHE C 175 21.38 -0.32 0.65
CA PHE C 175 20.88 0.15 1.93
C PHE C 175 21.42 1.54 2.28
N PRO C 176 20.68 2.30 3.09
CA PRO C 176 21.22 3.59 3.56
C PRO C 176 22.51 3.39 4.33
N ALA C 177 23.41 4.35 4.19
CA ALA C 177 24.67 4.32 4.93
C ALA C 177 24.41 4.46 6.43
N VAL C 178 25.26 3.80 7.21
CA VAL C 178 25.22 3.88 8.67
C VAL C 178 26.54 4.48 9.12
N LEU C 179 26.47 5.40 10.08
CA LEU C 179 27.65 6.05 10.62
C LEU C 179 28.16 5.21 11.78
N GLN C 180 29.41 4.78 11.69
CA GLN C 180 29.99 3.87 12.68
C GLN C 180 30.64 4.67 13.80
N SER C 181 30.99 3.96 14.87
CA SER C 181 31.61 4.61 16.02
C SER C 181 32.92 5.30 15.67
N SER C 182 33.54 4.92 14.55
CA SER C 182 34.77 5.54 14.09
C SER C 182 34.55 6.87 13.37
N GLY C 183 33.31 7.28 13.16
CA GLY C 183 33.04 8.44 12.34
C GLY C 183 33.07 8.19 10.86
N LEU C 184 33.33 6.95 10.44
CA LEU C 184 33.32 6.58 9.04
C LEU C 184 31.99 5.90 8.71
N TYR C 185 31.57 6.03 7.46
CA TYR C 185 30.31 5.48 7.01
C TYR C 185 30.50 4.07 6.47
N SER C 186 29.39 3.33 6.41
CA SER C 186 29.40 1.98 5.90
C SER C 186 28.01 1.67 5.34
N LEU C 187 27.98 1.07 4.16
CA LEU C 187 26.74 0.61 3.57
C LEU C 187 27.02 -0.62 2.74
N SER C 188 25.98 -1.38 2.47
CA SER C 188 26.08 -2.59 1.68
C SER C 188 25.01 -2.58 0.60
N SER C 189 25.37 -3.07 -0.58
CA SER C 189 24.43 -3.24 -1.69
C SER C 189 24.32 -4.72 -2.01
N VAL C 190 23.09 -5.19 -2.20
CA VAL C 190 22.81 -6.61 -2.38
C VAL C 190 21.85 -6.79 -3.55
N VAL C 191 21.92 -7.97 -4.16
CA VAL C 191 21.04 -8.34 -5.26
C VAL C 191 20.73 -9.83 -5.15
N THR C 192 19.50 -10.20 -5.49
CA THR C 192 19.07 -11.59 -5.55
C THR C 192 19.01 -12.05 -7.00
N VAL C 193 19.58 -13.21 -7.29
CA VAL C 193 19.64 -13.74 -8.65
C VAL C 193 19.40 -15.23 -8.62
N PRO C 194 19.04 -15.82 -9.77
CA PRO C 194 18.86 -17.27 -9.82
C PRO C 194 20.13 -17.99 -9.39
N SER C 195 19.98 -18.97 -8.51
CA SER C 195 21.13 -19.72 -8.02
C SER C 195 21.82 -20.48 -9.15
N SER C 196 21.12 -20.76 -10.25
CA SER C 196 21.68 -21.50 -11.37
C SER C 196 22.57 -20.65 -12.26
N SER C 197 22.54 -19.33 -12.13
CA SER C 197 23.36 -18.45 -12.94
C SER C 197 24.70 -18.12 -12.29
N LEU C 198 24.94 -18.60 -11.08
CA LEU C 198 26.13 -18.21 -10.34
C LEU C 198 27.43 -18.71 -10.97
N GLY C 199 27.37 -19.77 -11.77
CA GLY C 199 28.57 -20.31 -12.38
C GLY C 199 28.73 -19.90 -13.84
N THR C 200 27.71 -19.25 -14.40
CA THR C 200 27.72 -18.83 -15.78
C THR C 200 27.64 -17.32 -15.97
N GLN C 201 27.12 -16.59 -15.00
CA GLN C 201 26.97 -15.14 -15.08
C GLN C 201 27.89 -14.48 -14.07
N THR C 202 28.65 -13.49 -14.53
CA THR C 202 29.58 -12.75 -13.68
C THR C 202 28.88 -11.51 -13.13
N TYR C 203 29.18 -11.19 -11.86
CA TYR C 203 28.57 -10.07 -11.17
C TYR C 203 29.63 -9.14 -10.60
N ILE C 204 29.57 -7.87 -11.00
CA ILE C 204 30.47 -6.83 -10.52
C ILE C 204 29.64 -5.67 -9.96
N CYS C 205 30.02 -5.21 -8.78
CA CYS C 205 29.45 -3.99 -8.21
C CYS C 205 30.41 -2.84 -8.50
N ASN C 206 29.86 -1.73 -8.94
CA ASN C 206 30.64 -0.56 -9.34
C ASN C 206 30.41 0.52 -8.29
N VAL C 207 31.39 0.67 -7.40
CA VAL C 207 31.33 1.62 -6.30
C VAL C 207 32.01 2.91 -6.74
N ASN C 208 31.37 4.04 -6.47
CA ASN C 208 31.91 5.34 -6.78
C ASN C 208 31.81 6.23 -5.56
N HIS C 209 32.93 6.87 -5.20
CA HIS C 209 33.01 7.80 -4.08
C HIS C 209 33.71 9.05 -4.62
N LYS C 210 32.91 9.97 -5.16
CA LYS C 210 33.49 11.16 -5.78
C LYS C 210 34.33 11.99 -4.83
N PRO C 211 33.93 12.23 -3.58
CA PRO C 211 34.74 13.09 -2.70
C PRO C 211 36.20 12.65 -2.58
N SER C 212 36.46 11.34 -2.55
CA SER C 212 37.83 10.84 -2.48
C SER C 212 38.40 10.49 -3.85
N ASN C 213 37.67 10.75 -4.93
CA ASN C 213 38.09 10.38 -6.27
C ASN C 213 38.45 8.89 -6.33
N THR C 214 37.61 8.07 -5.70
CA THR C 214 37.81 6.64 -5.63
C THR C 214 36.68 5.94 -6.39
N LYS C 215 37.05 5.08 -7.34
CA LYS C 215 36.09 4.25 -8.05
C LYS C 215 36.60 2.81 -7.99
N VAL C 216 35.68 1.87 -7.77
CA VAL C 216 36.05 0.47 -7.57
C VAL C 216 35.07 -0.42 -8.32
N ASP C 217 35.59 -1.50 -8.91
CA ASP C 217 34.80 -2.55 -9.55
C ASP C 217 35.17 -3.85 -8.87
N LYS C 218 34.23 -4.43 -8.12
CA LYS C 218 34.48 -5.62 -7.31
C LYS C 218 33.67 -6.78 -7.86
N LYS C 219 34.36 -7.86 -8.25
CA LYS C 219 33.69 -9.06 -8.72
C LYS C 219 33.33 -9.93 -7.52
N VAL C 220 32.08 -10.40 -7.49
CA VAL C 220 31.54 -11.17 -6.37
C VAL C 220 31.18 -12.56 -6.88
N GLU C 221 31.85 -13.57 -6.37
CA GLU C 221 31.60 -14.95 -6.77
C GLU C 221 31.69 -15.83 -5.53
N PRO C 222 31.05 -17.01 -5.57
CA PRO C 222 31.10 -17.89 -4.40
C PRO C 222 32.52 -18.32 -4.06
N LYS C 223 32.78 -18.42 -2.76
CA LYS C 223 34.10 -18.82 -2.28
C LYS C 223 34.37 -20.28 -2.61
N SER C 224 35.65 -20.61 -2.75
CA SER C 224 36.09 -21.96 -3.04
C SER C 224 36.52 -22.65 -1.75
N CYS C 225 36.37 -23.98 -1.74
CA CYS C 225 36.76 -24.78 -0.60
C CYS C 225 38.29 -24.85 -0.46
N ASP D 1 7.29 34.37 12.50
CA ASP D 1 7.38 34.50 11.02
C ASP D 1 6.32 33.60 10.38
N ILE D 2 6.06 33.77 9.09
CA ILE D 2 5.04 32.96 8.36
C ILE D 2 5.51 31.51 8.37
N GLN D 3 4.58 30.57 8.56
CA GLN D 3 4.93 29.13 8.65
C GLN D 3 3.78 28.31 8.08
N MET D 4 4.07 27.19 7.42
CA MET D 4 3.04 26.31 6.91
C MET D 4 2.90 25.13 7.86
N THR D 5 1.71 24.92 8.38
CA THR D 5 1.43 23.76 9.23
C THR D 5 0.85 22.65 8.35
N GLN D 6 1.61 21.58 8.19
CA GLN D 6 1.24 20.47 7.32
C GLN D 6 0.86 19.26 8.16
N SER D 7 -0.30 18.68 7.86
CA SER D 7 -0.79 17.50 8.55
C SER D 7 -1.44 16.55 7.56
N PRO D 8 -1.41 15.25 7.83
CA PRO D 8 -0.72 14.60 8.96
C PRO D 8 0.77 14.54 8.67
N SER D 9 1.63 14.49 9.69
CA SER D 9 3.07 14.39 9.44
C SER D 9 3.39 13.10 8.72
N SER D 10 2.59 12.05 8.92
CA SER D 10 2.75 10.79 8.21
C SER D 10 1.40 10.08 8.17
N VAL D 11 1.25 9.15 7.23
CA VAL D 11 0.01 8.42 7.06
C VAL D 11 0.33 7.02 6.55
N SER D 12 -0.46 6.05 7.02
CA SER D 12 -0.38 4.66 6.58
C SER D 12 -1.72 4.27 5.97
N ALA D 13 -1.73 3.92 4.69
CA ALA D 13 -2.96 3.61 3.97
C ALA D 13 -2.75 2.43 3.03
N SER D 14 -3.86 1.74 2.74
CA SER D 14 -3.82 0.61 1.83
C SER D 14 -3.82 1.08 0.38
N VAL D 15 -3.41 0.18 -0.52
CA VAL D 15 -3.46 0.48 -1.94
C VAL D 15 -4.90 0.75 -2.34
N GLY D 16 -5.12 1.82 -3.09
CA GLY D 16 -6.46 2.19 -3.50
C GLY D 16 -7.24 3.01 -2.49
N ASP D 17 -6.63 3.39 -1.38
CA ASP D 17 -7.29 4.26 -0.41
C ASP D 17 -7.25 5.70 -0.89
N ARG D 18 -8.14 6.51 -0.33
CA ARG D 18 -8.15 7.95 -0.53
C ARG D 18 -7.25 8.58 0.54
N VAL D 19 -6.26 9.33 0.11
CA VAL D 19 -5.32 9.99 1.01
C VAL D 19 -5.52 11.49 0.88
N THR D 20 -5.67 12.15 2.02
CA THR D 20 -5.90 13.60 2.08
C THR D 20 -4.80 14.23 2.93
N ILE D 21 -4.15 15.25 2.36
CA ILE D 21 -3.08 15.98 3.02
C ILE D 21 -3.48 17.45 3.04
N THR D 22 -3.33 18.08 4.21
CA THR D 22 -3.75 19.47 4.41
C THR D 22 -2.54 20.34 4.73
N CYS D 23 -2.65 21.62 4.35
CA CYS D 23 -1.57 22.59 4.52
C CYS D 23 -2.19 23.90 4.99
N ARG D 24 -1.86 24.32 6.21
CA ARG D 24 -2.40 25.53 6.80
C ARG D 24 -1.33 26.61 6.87
N ALA D 25 -1.67 27.81 6.42
CA ALA D 25 -0.79 28.98 6.50
C ALA D 25 -1.11 29.79 7.75
N SER D 26 -0.09 30.10 8.55
CA SER D 26 -0.31 30.89 9.76
C SER D 26 -0.83 32.28 9.44
N GLN D 27 -0.53 32.79 8.23
CA GLN D 27 -1.06 34.06 7.77
C GLN D 27 -1.38 33.92 6.28
N GLY D 28 -2.20 34.84 5.79
CA GLY D 28 -2.60 34.81 4.40
C GLY D 28 -1.46 35.24 3.50
N ILE D 29 -1.01 34.36 2.61
CA ILE D 29 0.03 34.69 1.65
C ILE D 29 -0.61 34.92 0.29
N SER D 30 -1.29 33.91 -0.22
CA SER D 30 -2.06 34.03 -1.46
C SER D 30 -2.95 32.81 -1.58
N ASN D 31 -3.81 32.83 -2.60
CA ASN D 31 -4.65 31.68 -2.92
C ASN D 31 -3.91 30.61 -3.72
N TRP D 32 -2.62 30.77 -3.93
CA TRP D 32 -1.84 29.87 -4.79
C TRP D 32 -0.88 29.04 -3.94
N LEU D 33 -0.82 27.74 -4.22
CA LEU D 33 -0.08 26.79 -3.41
C LEU D 33 0.49 25.72 -4.34
N ALA D 34 1.72 25.27 -4.05
CA ALA D 34 2.41 24.28 -4.85
C ALA D 34 2.70 23.04 -4.01
N TRP D 35 2.52 21.87 -4.61
CA TRP D 35 2.79 20.59 -3.97
C TRP D 35 3.96 19.90 -4.66
N TYR D 36 4.87 19.35 -3.87
CA TYR D 36 6.05 18.68 -4.38
C TYR D 36 6.14 17.28 -3.80
N GLN D 37 6.63 16.35 -4.62
CA GLN D 37 6.83 14.95 -4.21
C GLN D 37 8.33 14.67 -4.19
N GLN D 38 8.81 14.11 -3.08
CA GLN D 38 10.21 13.73 -2.95
C GLN D 38 10.30 12.26 -2.55
N LYS D 39 10.86 11.45 -3.42
CA LYS D 39 11.16 10.07 -3.08
C LYS D 39 12.55 9.98 -2.47
N PRO D 40 12.81 8.93 -1.69
CA PRO D 40 14.10 8.84 -0.98
C PRO D 40 15.30 8.90 -1.92
N GLY D 41 16.33 9.62 -1.48
CA GLY D 41 17.55 9.72 -2.25
C GLY D 41 17.36 10.36 -3.61
N LYS D 42 16.28 11.11 -3.79
CA LYS D 42 15.95 11.71 -5.06
C LYS D 42 15.55 13.16 -4.82
N ALA D 43 15.66 13.96 -5.87
CA ALA D 43 15.27 15.36 -5.78
C ALA D 43 13.74 15.47 -5.73
N PRO D 44 13.23 16.55 -5.15
CA PRO D 44 11.79 16.78 -5.22
C PRO D 44 11.37 17.02 -6.66
N SER D 45 10.13 16.68 -6.98
CA SER D 45 9.54 16.96 -8.28
C SER D 45 8.20 17.65 -8.06
N LEU D 46 7.83 18.48 -9.02
CA LEU D 46 6.60 19.24 -8.91
C LEU D 46 5.40 18.35 -9.18
N LEU D 47 4.45 18.33 -8.23
CA LEU D 47 3.16 17.68 -8.45
C LEU D 47 2.14 18.67 -8.99
N ILE D 48 1.88 19.74 -8.23
CA ILE D 48 0.81 20.67 -8.50
C ILE D 48 1.31 22.08 -8.30
N TYR D 49 0.89 22.99 -9.18
CA TYR D 49 1.13 24.42 -9.03
C TYR D 49 -0.20 25.14 -9.25
N GLY D 50 -0.35 26.30 -8.64
CA GLY D 50 -1.61 27.01 -8.74
C GLY D 50 -2.74 26.38 -7.97
N THR D 51 -2.42 25.52 -7.01
CA THR D 51 -3.35 24.88 -6.09
C THR D 51 -4.19 23.78 -6.74
N SER D 52 -4.26 23.75 -8.06
CA SER D 52 -5.05 22.72 -8.74
C SER D 52 -4.41 22.15 -9.99
N THR D 53 -3.49 22.87 -10.65
CA THR D 53 -2.98 22.45 -11.95
C THR D 53 -1.93 21.36 -11.75
N LEU D 54 -2.14 20.21 -12.38
CA LEU D 54 -1.18 19.14 -12.32
C LEU D 54 0.02 19.43 -13.21
N HIS D 55 1.21 19.12 -12.70
CA HIS D 55 2.44 19.20 -13.48
C HIS D 55 2.41 18.18 -14.62
N ARG D 56 3.22 18.44 -15.64
CA ARG D 56 3.33 17.54 -16.77
C ARG D 56 3.64 16.14 -16.25
N GLY D 57 2.91 15.14 -16.76
CA GLY D 57 3.21 13.77 -16.43
C GLY D 57 2.56 13.22 -15.16
N VAL D 58 2.04 14.08 -14.30
CA VAL D 58 1.48 13.59 -13.03
C VAL D 58 0.12 12.97 -13.29
N PRO D 59 -0.14 11.76 -12.78
CA PRO D 59 -1.44 11.12 -13.04
C PRO D 59 -2.59 11.89 -12.40
N SER D 60 -3.78 11.67 -12.96
CA SER D 60 -4.97 12.39 -12.55
C SER D 60 -5.49 11.97 -11.18
N ARG D 61 -4.97 10.89 -10.59
CA ARG D 61 -5.38 10.54 -9.23
C ARG D 61 -4.99 11.62 -8.23
N PHE D 62 -4.05 12.49 -8.60
CA PHE D 62 -3.65 13.61 -7.77
C PHE D 62 -4.50 14.83 -8.09
N SER D 63 -4.92 15.55 -7.06
CA SER D 63 -5.72 16.75 -7.25
C SER D 63 -5.45 17.72 -6.12
N GLY D 64 -5.75 18.99 -6.36
CA GLY D 64 -5.54 20.02 -5.37
C GLY D 64 -6.70 20.99 -5.24
N SER D 65 -7.03 21.34 -3.99
CA SER D 65 -8.09 22.30 -3.71
C SER D 65 -7.61 23.22 -2.60
N GLY D 66 -8.23 24.39 -2.51
CA GLY D 66 -7.96 25.28 -1.40
C GLY D 66 -8.03 26.73 -1.82
N SER D 67 -7.99 27.59 -0.80
CA SER D 67 -8.01 29.04 -0.97
C SER D 67 -7.63 29.65 0.36
N GLY D 68 -7.22 30.92 0.32
CA GLY D 68 -6.86 31.62 1.53
C GLY D 68 -5.67 31.01 2.24
N THR D 69 -5.91 30.36 3.38
CA THR D 69 -4.87 29.73 4.16
C THR D 69 -5.01 28.22 4.25
N ASP D 70 -6.10 27.64 3.74
CA ASP D 70 -6.37 26.22 3.83
C ASP D 70 -6.28 25.60 2.44
N PHE D 71 -5.43 24.58 2.29
CA PHE D 71 -5.23 23.90 1.02
C PHE D 71 -5.14 22.40 1.26
N THR D 72 -5.58 21.63 0.27
CA THR D 72 -5.62 20.18 0.39
C THR D 72 -5.06 19.51 -0.86
N LEU D 73 -4.31 18.43 -0.63
CA LEU D 73 -3.85 17.53 -1.67
C LEU D 73 -4.54 16.19 -1.48
N THR D 74 -5.18 15.68 -2.53
CA THR D 74 -5.94 14.45 -2.45
C THR D 74 -5.36 13.44 -3.43
N ILE D 75 -5.09 12.23 -2.95
CA ILE D 75 -4.72 11.10 -3.79
C ILE D 75 -5.94 10.20 -3.83
N SER D 76 -6.67 10.24 -4.95
CA SER D 76 -7.98 9.58 -5.02
C SER D 76 -7.87 8.07 -4.88
N SER D 77 -6.79 7.47 -5.37
CA SER D 77 -6.61 6.02 -5.28
C SER D 77 -5.11 5.78 -5.13
N LEU D 78 -4.69 5.46 -3.92
CA LEU D 78 -3.26 5.32 -3.64
C LEU D 78 -2.69 4.12 -4.39
N HIS D 79 -1.61 4.37 -5.13
CA HIS D 79 -0.87 3.35 -5.86
C HIS D 79 0.43 3.05 -5.13
N PRO D 80 1.00 1.86 -5.34
CA PRO D 80 2.26 1.55 -4.62
C PRO D 80 3.36 2.55 -4.86
N GLU D 81 3.44 3.11 -6.07
CA GLU D 81 4.51 4.05 -6.40
C GLU D 81 4.32 5.42 -5.78
N ASP D 82 3.21 5.67 -5.10
CA ASP D 82 2.97 6.97 -4.48
C ASP D 82 3.63 7.12 -3.11
N VAL D 83 4.32 6.09 -2.62
CA VAL D 83 5.03 6.22 -1.36
C VAL D 83 6.13 7.26 -1.53
N ALA D 84 6.07 8.31 -0.73
CA ALA D 84 7.02 9.41 -0.82
C ALA D 84 6.74 10.41 0.30
N THR D 85 7.54 11.46 0.38
CA THR D 85 7.26 12.57 1.27
C THR D 85 6.79 13.76 0.43
N TYR D 86 5.67 14.35 0.83
CA TYR D 86 5.04 15.42 0.07
C TYR D 86 5.16 16.73 0.84
N TYR D 87 5.49 17.79 0.13
CA TYR D 87 5.70 19.10 0.73
C TYR D 87 4.85 20.14 0.03
N CYS D 88 4.22 21.03 0.78
CA CYS D 88 3.45 22.17 0.20
C CYS D 88 4.41 23.37 0.31
N GLN D 89 4.06 24.51 -0.29
CA GLN D 89 4.91 25.73 -0.16
C GLN D 89 4.20 26.93 -0.77
N GLN D 90 4.06 28.02 -0.03
CA GLN D 90 3.47 29.27 -0.58
C GLN D 90 4.65 30.24 -0.73
N THR D 91 4.63 31.13 -1.72
CA THR D 91 5.78 32.03 -1.99
C THR D 91 5.35 33.49 -1.92
N ASN D 92 5.67 34.20 -0.84
CA ASN D 92 5.42 35.63 -0.74
C ASN D 92 6.59 36.40 -1.34
N SER D 93 6.28 37.40 -2.15
CA SER D 93 7.29 38.11 -2.93
C SER D 93 7.92 39.27 -2.16
N PHE D 94 7.10 40.21 -1.68
CA PHE D 94 7.60 41.48 -1.14
C PHE D 94 8.54 41.23 0.04
N PRO D 95 8.07 40.73 1.18
CA PRO D 95 8.97 39.95 2.05
C PRO D 95 9.34 38.64 1.37
N PRO D 96 10.61 38.21 1.46
CA PRO D 96 11.00 36.94 0.81
C PRO D 96 10.79 35.71 1.69
N LYS D 97 9.53 35.40 1.97
CA LYS D 97 9.18 34.33 2.90
C LYS D 97 8.43 33.22 2.16
N TRP D 98 9.16 32.17 1.75
CA TRP D 98 8.55 31.03 1.06
C TRP D 98 8.60 29.78 1.94
N PRO D 99 7.49 29.81 2.84
CA PRO D 99 7.54 28.74 3.80
C PRO D 99 7.18 27.39 3.18
N PHE D 100 7.82 26.33 3.63
CA PHE D 100 7.54 24.96 3.16
C PHE D 100 6.87 24.22 4.28
N GLY D 101 5.97 23.32 3.96
CA GLY D 101 5.37 22.45 4.94
C GLY D 101 6.38 21.48 5.52
N GLN D 102 6.13 21.06 6.76
CA GLN D 102 7.06 20.17 7.44
C GLN D 102 7.12 18.80 6.78
N GLY D 103 6.20 18.48 5.90
CA GLY D 103 6.25 17.27 5.11
C GLY D 103 5.30 16.20 5.62
N THR D 104 4.77 15.43 4.68
CA THR D 104 3.89 14.30 4.99
C THR D 104 4.49 13.06 4.36
N LYS D 105 4.80 12.06 5.17
CA LYS D 105 5.38 10.82 4.68
C LYS D 105 4.26 9.81 4.46
N VAL D 106 4.06 9.41 3.20
CA VAL D 106 2.98 8.51 2.84
C VAL D 106 3.57 7.10 2.75
N GLU D 107 3.05 6.20 3.58
CA GLU D 107 3.45 4.80 3.59
C GLU D 107 2.24 3.94 3.26
N ILE D 108 2.51 2.66 3.01
CA ILE D 108 1.48 1.74 2.54
C ILE D 108 1.35 0.58 3.51
N LYS D 109 0.10 0.22 3.78
CA LYS D 109 -0.24 -0.99 4.52
C LYS D 109 -0.50 -2.09 3.50
N ARG D 110 0.23 -3.19 3.60
CA ARG D 110 -0.03 -4.36 2.78
C ARG D 110 -0.12 -5.59 3.68
N THR D 111 -0.43 -6.72 3.07
CA THR D 111 -0.52 -7.97 3.84
C THR D 111 0.85 -8.35 4.38
N VAL D 112 0.85 -9.04 5.52
CA VAL D 112 2.10 -9.47 6.12
C VAL D 112 2.86 -10.35 5.13
N ALA D 113 4.16 -10.12 5.02
CA ALA D 113 5.03 -10.92 4.16
C ALA D 113 6.30 -11.24 4.92
N ALA D 114 6.61 -12.52 5.04
CA ALA D 114 7.78 -12.94 5.81
C ALA D 114 9.07 -12.68 5.02
N PRO D 115 10.18 -12.45 5.71
CA PRO D 115 11.45 -12.18 5.02
C PRO D 115 12.16 -13.45 4.59
N SER D 116 12.93 -13.31 3.52
CA SER D 116 13.98 -14.27 3.19
C SER D 116 15.24 -13.85 3.91
N VAL D 117 15.85 -14.78 4.64
CA VAL D 117 17.00 -14.49 5.50
C VAL D 117 18.25 -15.10 4.88
N PHE D 118 19.29 -14.28 4.74
CA PHE D 118 20.59 -14.71 4.25
C PHE D 118 21.67 -14.20 5.19
N ILE D 119 22.70 -15.01 5.39
CA ILE D 119 23.83 -14.66 6.26
C ILE D 119 25.12 -14.75 5.44
N PHE D 120 25.96 -13.72 5.57
CA PHE D 120 27.23 -13.65 4.85
C PHE D 120 28.38 -13.62 5.83
N PRO D 121 29.28 -14.60 5.82
CA PRO D 121 30.48 -14.50 6.65
C PRO D 121 31.41 -13.41 6.12
N PRO D 122 32.35 -12.94 6.93
CA PRO D 122 33.29 -11.93 6.45
C PRO D 122 34.18 -12.47 5.35
N SER D 123 34.63 -11.57 4.48
CA SER D 123 35.55 -11.93 3.42
C SER D 123 36.95 -12.15 3.99
N ASP D 124 37.74 -12.96 3.28
CA ASP D 124 39.13 -13.16 3.70
C ASP D 124 39.96 -11.89 3.54
N GLU D 125 39.63 -11.04 2.56
CA GLU D 125 40.37 -9.79 2.42
C GLU D 125 40.17 -8.90 3.65
N GLN D 126 38.93 -8.78 4.12
CA GLN D 126 38.65 -7.92 5.28
C GLN D 126 39.36 -8.45 6.52
N LEU D 127 39.32 -9.76 6.75
CA LEU D 127 40.02 -10.34 7.89
C LEU D 127 41.50 -10.02 7.85
N LYS D 128 42.09 -9.97 6.66
CA LYS D 128 43.50 -9.62 6.52
C LYS D 128 43.81 -8.22 7.06
N SER D 129 42.81 -7.34 7.13
CA SER D 129 42.99 -5.99 7.65
C SER D 129 42.69 -5.87 9.14
N GLY D 130 42.26 -6.95 9.80
CA GLY D 130 42.09 -6.95 11.24
C GLY D 130 40.67 -6.77 11.75
N THR D 131 39.69 -6.62 10.87
CA THR D 131 38.31 -6.43 11.27
C THR D 131 37.43 -7.46 10.56
N ALA D 132 36.34 -7.84 11.24
CA ALA D 132 35.39 -8.81 10.70
C ALA D 132 33.99 -8.25 10.74
N SER D 133 33.31 -8.29 9.60
CA SER D 133 31.91 -7.89 9.48
C SER D 133 31.08 -9.10 9.05
N VAL D 134 30.06 -9.42 9.83
CA VAL D 134 29.12 -10.49 9.50
C VAL D 134 27.78 -9.86 9.17
N VAL D 135 27.24 -10.17 8.00
CA VAL D 135 26.07 -9.49 7.45
C VAL D 135 24.89 -10.45 7.41
N CYS D 136 23.76 -10.01 7.95
CA CYS D 136 22.50 -10.74 7.92
C CYS D 136 21.48 -9.93 7.12
N LEU D 137 20.88 -10.56 6.10
CA LEU D 137 20.00 -9.87 5.16
C LEU D 137 18.56 -10.38 5.32
N LEU D 138 17.64 -9.45 5.55
CA LEU D 138 16.20 -9.71 5.49
C LEU D 138 15.64 -9.05 4.23
N ASN D 139 15.09 -9.86 3.33
CA ASN D 139 14.71 -9.41 2.00
C ASN D 139 13.20 -9.48 1.82
N ASN D 140 12.60 -8.37 1.40
CA ASN D 140 11.22 -8.32 0.90
C ASN D 140 10.23 -8.82 1.94
N PHE D 141 10.09 -8.04 3.02
CA PHE D 141 9.16 -8.36 4.09
C PHE D 141 8.31 -7.15 4.47
N TYR D 142 7.17 -7.43 5.11
CA TYR D 142 6.29 -6.40 5.67
C TYR D 142 5.61 -7.01 6.89
N PRO D 143 5.45 -6.26 8.00
CA PRO D 143 5.80 -4.85 8.22
C PRO D 143 7.28 -4.62 8.49
N ARG D 144 7.68 -3.35 8.56
CA ARG D 144 9.09 -3.02 8.74
C ARG D 144 9.61 -3.56 10.06
N GLU D 145 8.79 -3.54 11.10
CA GLU D 145 9.22 -3.95 12.43
C GLU D 145 9.72 -5.39 12.40
N ALA D 146 10.92 -5.61 12.94
CA ALA D 146 11.53 -6.93 12.97
C ALA D 146 12.71 -6.91 13.91
N LYS D 147 12.94 -8.05 14.58
CA LYS D 147 14.03 -8.20 15.53
C LYS D 147 15.09 -9.12 14.93
N VAL D 148 16.33 -8.62 14.88
CA VAL D 148 17.47 -9.40 14.42
C VAL D 148 18.39 -9.59 15.62
N GLN D 149 18.57 -10.83 16.04
CA GLN D 149 19.41 -11.15 17.19
C GLN D 149 20.63 -11.91 16.70
N TRP D 150 21.81 -11.38 17.01
CA TRP D 150 23.07 -12.01 16.69
C TRP D 150 23.48 -12.95 17.83
N LYS D 151 23.88 -14.16 17.49
CA LYS D 151 24.38 -15.13 18.46
C LYS D 151 25.72 -15.67 17.97
N VAL D 152 26.75 -15.59 18.83
CA VAL D 152 28.08 -16.12 18.54
C VAL D 152 28.37 -17.23 19.54
N ASP D 153 28.49 -18.46 19.03
CA ASP D 153 28.59 -19.64 19.90
C ASP D 153 27.46 -19.62 20.94
N ASN D 154 26.30 -19.15 20.51
CA ASN D 154 25.06 -19.11 21.28
C ASN D 154 25.06 -18.00 22.32
N ALA D 155 25.97 -17.04 22.25
CA ALA D 155 26.00 -15.91 23.16
C ALA D 155 25.38 -14.69 22.47
N LEU D 156 24.28 -14.18 23.04
CA LEU D 156 23.58 -13.05 22.46
C LEU D 156 24.48 -11.82 22.40
N GLN D 157 24.47 -11.14 21.25
CA GLN D 157 25.28 -9.95 21.02
C GLN D 157 24.38 -8.72 21.10
N SER D 158 24.94 -7.63 21.61
CA SER D 158 24.22 -6.36 21.65
C SER D 158 25.22 -5.23 21.70
N GLY D 159 24.92 -4.15 20.96
CA GLY D 159 25.76 -2.98 20.95
C GLY D 159 26.90 -3.03 19.94
N ASN D 160 27.07 -4.15 19.25
CA ASN D 160 28.15 -4.33 18.28
C ASN D 160 27.60 -4.58 16.88
N SER D 161 26.34 -4.28 16.65
CA SER D 161 25.70 -4.46 15.35
C SER D 161 25.00 -3.17 14.96
N GLN D 162 24.77 -3.02 13.67
CA GLN D 162 24.07 -1.85 13.15
C GLN D 162 23.12 -2.30 12.05
N GLU D 163 21.93 -1.70 12.04
CA GLU D 163 20.90 -2.05 11.08
C GLU D 163 20.70 -0.92 10.08
N SER D 164 20.28 -1.31 8.88
CA SER D 164 19.94 -0.38 7.81
C SER D 164 18.74 -0.94 7.07
N VAL D 165 17.76 -0.09 6.80
CA VAL D 165 16.49 -0.50 6.20
C VAL D 165 16.30 0.27 4.91
N THR D 166 15.91 -0.44 3.85
CA THR D 166 15.56 0.22 2.61
C THR D 166 14.22 0.93 2.78
N GLU D 167 13.96 1.88 1.90
CA GLU D 167 12.64 2.48 1.88
C GLU D 167 11.66 1.54 1.17
N GLN D 168 10.37 1.78 1.38
CA GLN D 168 9.36 0.88 0.89
C GLN D 168 9.44 0.77 -0.63
N ASP D 169 9.45 -0.45 -1.13
CA ASP D 169 9.58 -0.68 -2.56
C ASP D 169 8.35 -0.13 -3.28
N SER D 170 8.60 0.53 -4.40
CA SER D 170 7.52 1.18 -5.14
C SER D 170 6.68 0.21 -5.94
N LYS D 171 6.99 -1.08 -5.92
CA LYS D 171 6.24 -2.09 -6.64
C LYS D 171 5.49 -3.05 -5.72
N ASP D 172 6.17 -3.69 -4.77
CA ASP D 172 5.53 -4.65 -3.87
C ASP D 172 5.37 -4.13 -2.45
N SER D 173 5.75 -2.89 -2.18
CA SER D 173 5.47 -2.23 -0.90
C SER D 173 6.11 -2.95 0.28
N THR D 174 7.24 -3.63 0.05
CA THR D 174 7.95 -4.34 1.09
C THR D 174 9.21 -3.60 1.48
N TYR D 175 9.86 -4.09 2.53
CA TYR D 175 11.09 -3.52 3.04
C TYR D 175 12.19 -4.57 2.99
N SER D 176 13.42 -4.09 3.05
CA SER D 176 14.59 -4.95 3.21
C SER D 176 15.49 -4.34 4.28
N LEU D 177 16.24 -5.21 4.95
CA LEU D 177 17.04 -4.81 6.10
C LEU D 177 18.36 -5.56 6.11
N SER D 178 19.43 -4.84 6.43
CA SER D 178 20.75 -5.42 6.61
C SER D 178 21.21 -5.16 8.04
N SER D 179 21.70 -6.20 8.71
CA SER D 179 22.29 -6.08 10.03
C SER D 179 23.74 -6.52 9.96
N THR D 180 24.65 -5.63 10.37
CA THR D 180 26.09 -5.88 10.25
C THR D 180 26.68 -5.98 11.65
N LEU D 181 27.17 -7.17 11.99
CA LEU D 181 27.87 -7.43 13.25
C LEU D 181 29.36 -7.16 13.07
N THR D 182 29.90 -6.22 13.84
CA THR D 182 31.29 -5.83 13.72
C THR D 182 32.11 -6.42 14.86
N LEU D 183 33.14 -7.18 14.51
CA LEU D 183 34.03 -7.83 15.46
C LEU D 183 35.48 -7.61 15.03
N SER D 184 36.38 -7.72 16.00
CA SER D 184 37.81 -7.77 15.70
C SER D 184 38.17 -9.13 15.12
N LYS D 185 39.27 -9.17 14.38
CA LYS D 185 39.75 -10.46 13.87
C LYS D 185 40.03 -11.43 15.00
N ALA D 186 40.65 -10.95 16.08
CA ALA D 186 40.99 -11.82 17.19
C ALA D 186 39.74 -12.42 17.83
N ASP D 187 38.70 -11.60 18.04
CA ASP D 187 37.47 -12.13 18.60
C ASP D 187 36.76 -13.06 17.62
N TYR D 188 36.80 -12.73 16.32
CA TYR D 188 36.15 -13.58 15.33
C TYR D 188 36.77 -14.97 15.32
N GLU D 189 38.10 -15.05 15.40
CA GLU D 189 38.79 -16.34 15.34
C GLU D 189 38.62 -17.16 16.62
N LYS D 190 38.05 -16.57 17.67
CA LYS D 190 37.85 -17.28 18.93
C LYS D 190 36.57 -18.12 18.96
N HIS D 191 35.67 -17.98 17.99
CA HIS D 191 34.37 -18.62 18.04
C HIS D 191 34.07 -19.33 16.72
N LYS D 192 33.20 -20.33 16.81
CA LYS D 192 32.87 -21.21 15.69
C LYS D 192 31.54 -20.88 15.01
N VAL D 193 30.47 -20.75 15.79
CA VAL D 193 29.11 -20.63 15.25
C VAL D 193 28.69 -19.17 15.24
N TYR D 194 28.28 -18.69 14.08
CA TYR D 194 27.73 -17.35 13.92
C TYR D 194 26.33 -17.46 13.33
N ALA D 195 25.36 -16.86 13.99
CA ALA D 195 23.97 -16.96 13.55
C ALA D 195 23.27 -15.64 13.77
N CYS D 196 22.25 -15.38 12.94
CA CYS D 196 21.29 -14.32 13.20
C CYS D 196 19.90 -14.93 13.27
N GLU D 197 19.17 -14.61 14.34
CA GLU D 197 17.82 -15.09 14.57
C GLU D 197 16.85 -13.97 14.23
N VAL D 198 15.91 -14.23 13.33
CA VAL D 198 14.94 -13.25 12.86
C VAL D 198 13.58 -13.55 13.48
N THR D 199 13.01 -12.55 14.13
CA THR D 199 11.65 -12.61 14.67
C THR D 199 10.77 -11.63 13.91
N HIS D 200 9.65 -12.11 13.37
CA HIS D 200 8.83 -11.27 12.51
C HIS D 200 7.38 -11.77 12.52
N GLN D 201 6.45 -10.85 12.27
CA GLN D 201 5.03 -11.21 12.27
C GLN D 201 4.73 -12.28 11.24
N GLY D 202 5.42 -12.24 10.08
CA GLY D 202 5.20 -13.22 9.03
C GLY D 202 5.80 -14.58 9.28
N LEU D 203 6.58 -14.73 10.34
CA LEU D 203 7.18 -16.00 10.71
C LEU D 203 6.43 -16.53 11.93
N SER D 204 5.95 -17.77 11.84
CA SER D 204 5.25 -18.36 12.97
C SER D 204 6.19 -18.50 14.16
N SER D 205 7.43 -18.87 13.91
CA SER D 205 8.48 -18.90 14.92
C SER D 205 9.75 -18.33 14.29
N PRO D 206 10.69 -17.86 15.12
CA PRO D 206 11.90 -17.20 14.57
C PRO D 206 12.68 -18.10 13.64
N VAL D 207 13.31 -17.48 12.64
CA VAL D 207 14.14 -18.17 11.65
C VAL D 207 15.60 -17.80 11.92
N THR D 208 16.47 -18.80 11.89
CA THR D 208 17.89 -18.62 12.15
C THR D 208 18.73 -19.16 11.00
N LYS D 209 19.62 -18.32 10.47
CA LYS D 209 20.63 -18.71 9.49
C LYS D 209 22.00 -18.62 10.13
N SER D 210 22.79 -19.68 10.01
CA SER D 210 24.08 -19.74 10.70
C SER D 210 25.15 -20.30 9.78
N PHE D 211 26.40 -20.22 10.23
CA PHE D 211 27.53 -20.81 9.54
C PHE D 211 28.63 -21.09 10.56
N ASN D 212 29.53 -22.02 10.23
CA ASN D 212 30.71 -22.32 11.09
C ASN D 212 31.88 -21.46 10.60
N ARG D 213 32.73 -20.93 11.47
CA ARG D 213 33.81 -20.04 11.03
C ARG D 213 34.64 -20.75 9.96
N GLY D 214 34.86 -22.06 10.09
CA GLY D 214 35.72 -22.80 9.15
C GLY D 214 34.96 -23.45 8.02
N GLU D 215 33.89 -24.19 8.33
CA GLU D 215 33.10 -24.92 7.30
C GLU D 215 32.81 -24.00 6.13
N CYS D 216 32.69 -24.54 4.91
CA CYS D 216 32.37 -23.76 3.69
C CYS D 216 31.00 -23.09 3.87
N LYS E 4 -29.59 -31.93 -22.67
CA LYS E 4 -28.75 -33.02 -22.23
C LYS E 4 -27.42 -33.04 -23.00
N ASN E 5 -27.49 -32.72 -24.29
CA ASN E 5 -26.31 -32.67 -25.16
C ASN E 5 -25.85 -31.24 -25.41
N GLU E 6 -25.98 -30.37 -24.40
CA GLU E 6 -25.73 -28.94 -24.58
C GLU E 6 -24.25 -28.61 -24.75
N GLN E 7 -23.36 -29.36 -24.09
CA GLN E 7 -21.93 -29.03 -24.15
C GLN E 7 -21.40 -29.08 -25.58
N GLU E 8 -21.78 -30.11 -26.34
CA GLU E 8 -21.20 -30.28 -27.67
C GLU E 8 -21.45 -29.05 -28.54
N LEU E 9 -22.61 -28.40 -28.37
CA LEU E 9 -22.89 -27.22 -29.18
C LEU E 9 -21.89 -26.11 -28.91
N LEU E 10 -21.39 -26.01 -27.67
CA LEU E 10 -20.43 -24.95 -27.34
C LEU E 10 -19.18 -25.07 -28.19
N GLU E 11 -18.64 -26.29 -28.33
CA GLU E 11 -17.45 -26.47 -29.15
C GLU E 11 -17.77 -26.22 -30.62
N LEU E 12 -19.01 -26.47 -31.04
CA LEU E 12 -19.39 -26.20 -32.42
C LEU E 12 -19.43 -24.71 -32.69
N ASP E 13 -19.88 -23.91 -31.72
CA ASP E 13 -19.99 -22.47 -31.93
C ASP E 13 -18.66 -21.83 -32.26
N LYS E 14 -17.54 -22.48 -31.87
CA LYS E 14 -16.22 -21.92 -32.12
C LYS E 14 -15.87 -21.99 -33.60
N TRP E 15 -16.36 -23.00 -34.31
CA TRP E 15 -16.07 -23.19 -35.72
C TRP E 15 -16.97 -22.34 -36.62
N ALA E 16 -17.64 -21.33 -36.06
CA ALA E 16 -18.56 -20.49 -36.81
C ALA E 16 -17.76 -19.34 -37.42
N SER E 17 -17.08 -19.66 -38.52
CA SER E 17 -16.29 -18.69 -39.27
C SER E 17 -16.47 -18.81 -40.78
N ASN F 5 8.74 39.56 -20.68
CA ASN F 5 9.36 38.28 -20.33
C ASN F 5 9.02 37.90 -18.89
N GLU F 6 9.10 36.60 -18.59
CA GLU F 6 8.69 36.12 -17.27
C GLU F 6 9.65 36.60 -16.19
N GLN F 7 10.93 36.73 -16.53
CA GLN F 7 11.90 37.22 -15.55
C GLN F 7 11.52 38.61 -15.07
N GLU F 8 11.08 39.46 -15.99
CA GLU F 8 10.81 40.86 -15.66
C GLU F 8 9.78 40.99 -14.56
N LEU F 9 8.72 40.17 -14.59
CA LEU F 9 7.64 40.27 -13.61
C LEU F 9 8.09 39.88 -12.21
N LEU F 10 9.01 38.92 -12.08
CA LEU F 10 9.39 38.43 -10.76
C LEU F 10 9.95 39.54 -9.89
N GLU F 11 10.84 40.37 -10.44
CA GLU F 11 11.39 41.47 -9.66
C GLU F 11 10.33 42.53 -9.35
N LEU F 12 9.33 42.68 -10.21
CA LEU F 12 8.29 43.68 -10.00
C LEU F 12 7.41 43.34 -8.81
N ASP F 13 7.10 42.05 -8.61
CA ASP F 13 6.19 41.65 -7.54
C ASP F 13 6.70 42.05 -6.16
N LYS F 14 8.00 42.32 -6.02
CA LYS F 14 8.54 42.61 -4.70
C LYS F 14 8.02 43.94 -4.14
N TRP F 15 7.72 44.91 -4.99
CA TRP F 15 7.27 46.22 -4.55
C TRP F 15 5.76 46.30 -4.33
N ALA F 16 5.06 45.16 -4.24
CA ALA F 16 3.61 45.15 -4.10
C ALA F 16 3.11 45.16 -2.66
N SER F 17 3.99 44.93 -1.67
CA SER F 17 3.56 44.96 -0.28
C SER F 17 3.33 46.36 0.25
N LEU F 18 3.80 47.36 -0.49
CA LEU F 18 3.64 48.78 -0.11
C LEU F 18 2.19 49.16 -0.37
N TRP F 19 1.47 48.34 -1.12
CA TRP F 19 0.06 48.61 -1.50
C TRP F 19 -0.86 48.24 -0.34
C1 NAG G . -18.37 -35.93 -5.37
C2 NAG G . -19.16 -36.08 -4.08
C3 NAG G . -18.37 -36.96 -3.13
C4 NAG G . -18.14 -38.30 -3.80
C5 NAG G . -17.38 -38.08 -5.10
C6 NAG G . -17.13 -39.40 -5.79
C7 NAG G . -20.57 -34.19 -3.53
C8 NAG G . -20.72 -32.98 -2.64
N2 NAG G . -19.40 -34.79 -3.47
O3 NAG G . -19.11 -37.13 -1.92
O4 NAG G . -17.37 -39.15 -2.95
O5 NAG G . -18.15 -37.22 -5.95
O6 NAG G . -18.39 -40.01 -6.09
O7 NAG G . -21.48 -34.59 -4.24
H2 NAG G . -20.01 -36.52 -4.28
H3 NAG G . -17.51 -36.54 -2.94
H4 NAG G . -18.99 -38.72 -4.00
H5 NAG G . -16.53 -37.66 -4.91
H61 NAG G . -16.62 -39.99 -5.21
H62 NAG G . -16.64 -39.25 -6.63
H81 NAG G . -21.62 -32.62 -2.75
H82 NAG G . -20.06 -32.31 -2.89
H83 NAG G . -20.58 -33.25 -1.71
HN2 NAG G . -18.80 -34.50 -2.85
HO3 NAG G . -18.99 -37.96 -1.62
HO4 NAG G . -17.59 -40.00 -3.09
HO6 NAG G . -19.01 -39.39 -6.16
C1 NAG H . 26.79 25.54 -21.81
C2 NAG H . 27.12 24.05 -21.89
C3 NAG H . 28.61 23.81 -21.62
C4 NAG H . 29.49 24.74 -22.45
C5 NAG H . 29.00 26.17 -22.28
C6 NAG H . 29.85 27.15 -23.06
C7 NAG H . 25.15 22.72 -21.27
C8 NAG H . 24.37 22.11 -20.14
N2 NAG H . 26.32 23.28 -20.95
O3 NAG H . 28.91 22.44 -21.88
O4 NAG H . 30.84 24.75 -21.99
O5 NAG H . 27.65 26.28 -22.69
O6 NAG H . 29.65 26.88 -24.44
O7 NAG H . 24.73 22.70 -22.42
H2 NAG H . 26.92 23.74 -22.80
H3 NAG H . 28.78 23.99 -20.68
H4 NAG H . 29.45 24.48 -23.40
H5 NAG H . 29.06 26.40 -21.34
H61 NAG H . 30.80 27.03 -22.84
H62 NAG H . 29.57 28.06 -22.86
H81 NAG H . 24.30 21.16 -20.33
H82 NAG H . 23.51 22.56 -20.10
H83 NAG H . 24.85 22.25 -19.31
HN2 NAG H . 26.55 23.33 -20.07
HO3 NAG H . 29.77 22.28 -21.72
HO4 NAG H . 31.39 24.76 -22.69
HO6 NAG H . 28.82 26.60 -24.57
NA NA I . 6.81 26.52 -4.83
NA NA J . 12.20 -3.89 -0.36
NA NA K . 4.80 0.75 -2.21
NA NA L . 28.51 -2.31 12.24
#